data_3P2C
#
_entry.id   3P2C
#
_cell.length_a   64.722
_cell.length_b   89.854
_cell.length_c   90.387
_cell.angle_alpha   90.000
_cell.angle_beta   105.610
_cell.angle_gamma   90.000
#
_symmetry.space_group_name_H-M   'P 1 21 1'
#
loop_
_entity.id
_entity.type
_entity.pdbx_description
1 polymer 'Putative glycosyl hydrolase'
2 non-polymer 1,2-ETHANEDIOL
3 non-polymer 'TRIETHYLENE GLYCOL'
4 water water
#
_entity_poly.entity_id   1
_entity_poly.type   'polypeptide(L)'
_entity_poly.pdbx_seq_one_letter_code
;GSNR(MSE)TE(MSE)HVCLADAIQKDNRPEISNRLFRSNAVEKEILRVQKLLKNAKLAW(MSE)FTNCFPNTLDTTVHF
RKGSDGKPDTFVYTGDIHA(MSE)WLRDSGAQVWPYVQLANSDPELKE(MSE)LAGVILRQFKCINIDPYANAFNDGAIP
DGHW(MSE)SDLTD(MSE)KPELHERKWEIDSLCYPLRLAYHYWKTTGDASIFNEEWIQAITNVLKTFKEQQRKDGVGPY
KFQRKTERALDTVSNDGLGAPVKPVGLIVSSFRPSDDATTLQFLVPSNFFAVSSLRKAAEILEKVNKKTALSKECKDLAQ
EVETALKKYAVYNHPKYGKIYAFEVDGFGNHHL(MSE)DDANVPSLLA(MSE)PYLGDVNVNDPIYQNTRRFVWSEDNPY
FFKGKAGEGIGGPHIGYD(MSE)VWP(MSE)SI(MSE)(MSE)KAFTSQNDAEIKTCIK(MSE)L(MSE)DTDAGTGF
(MSE)HESFHKDNPKKFTRAWFAWQNTLFGELILKLVNEGKVDLLNSIQ
;
_entity_poly.pdbx_strand_id   A,B
#
# COMPACT_ATOMS: atom_id res chain seq x y z
N ASP A 19 14.56 15.69 38.95
CA ASP A 19 13.89 15.52 37.60
C ASP A 19 14.87 15.27 36.46
N ASN A 20 14.34 14.93 35.28
CA ASN A 20 15.14 14.70 34.07
C ASN A 20 15.17 15.87 33.08
N ARG A 21 14.80 17.06 33.53
CA ARG A 21 14.90 18.21 32.64
C ARG A 21 16.39 18.50 32.46
N PRO A 22 16.78 19.21 31.38
CA PRO A 22 18.15 19.75 31.36
C PRO A 22 18.43 20.63 32.55
N GLU A 23 19.73 20.75 32.87
CA GLU A 23 20.22 21.75 33.82
C GLU A 23 19.67 23.10 33.42
N ILE A 24 19.38 23.97 34.38
CA ILE A 24 18.78 25.25 34.06
C ILE A 24 19.52 26.01 32.95
N SER A 25 20.85 26.05 33.02
CA SER A 25 21.63 26.83 32.04
C SER A 25 21.62 26.22 30.64
N ASN A 26 21.19 24.97 30.48
CA ASN A 26 21.05 24.36 29.15
C ASN A 26 19.65 24.41 28.57
N ARG A 27 18.68 24.92 29.34
CA ARG A 27 17.30 25.01 28.86
C ARG A 27 17.18 26.16 27.84
N LEU A 28 16.51 25.92 26.72
CA LEU A 28 16.53 26.90 25.63
C LEU A 28 15.61 28.10 25.84
N PHE A 29 14.42 27.87 26.40
CA PHE A 29 13.45 28.93 26.58
C PHE A 29 12.80 28.75 27.93
N ARG A 30 12.69 29.83 28.69
CA ARG A 30 12.06 29.83 30.00
C ARG A 30 10.75 30.62 30.02
N SER A 31 9.70 30.00 30.55
CA SER A 31 8.43 30.67 30.76
C SER A 31 8.11 30.67 32.26
N ASN A 32 7.95 31.86 32.85
CA ASN A 32 7.44 31.98 34.21
C ASN A 32 6.16 31.19 34.44
N ALA A 33 5.22 31.30 33.50
CA ALA A 33 3.90 30.73 33.67
C ALA A 33 4.01 29.24 33.66
N VAL A 34 4.86 28.69 32.80
CA VAL A 34 5.08 27.24 32.78
C VAL A 34 5.70 26.78 34.11
N GLU A 35 6.70 27.51 34.59
CA GLU A 35 7.30 27.09 35.86
C GLU A 35 6.30 27.11 37.01
N LYS A 36 5.42 28.09 37.01
CA LYS A 36 4.41 28.22 38.06
C LYS A 36 3.42 27.06 38.00
N GLU A 37 3.07 26.63 36.80
CA GLU A 37 2.12 25.48 36.67
C GLU A 37 2.75 24.21 37.11
N ILE A 38 4.05 24.04 36.87
CA ILE A 38 4.76 22.84 37.32
C ILE A 38 4.75 22.77 38.85
N LEU A 39 5.09 23.87 39.51
CA LEU A 39 5.01 23.89 40.97
C LEU A 39 3.59 23.61 41.46
N ARG A 40 2.58 24.16 40.78
CA ARG A 40 1.18 23.95 41.13
C ARG A 40 0.84 22.46 41.11
N VAL A 41 1.18 21.82 40.00
CA VAL A 41 0.87 20.41 39.81
C VAL A 41 1.69 19.53 40.76
N GLN A 42 2.97 19.85 40.96
CA GLN A 42 3.79 19.13 41.95
C GLN A 42 3.15 19.14 43.35
N LYS A 43 2.59 20.27 43.76
CA LYS A 43 1.97 20.41 45.11
C LYS A 43 0.58 19.73 45.22
N LEU A 44 -0.09 19.50 44.09
CA LEU A 44 -1.42 18.84 44.08
C LEU A 44 -1.35 17.33 43.97
N LEU A 45 -0.35 16.81 43.25
CA LEU A 45 -0.30 15.38 43.00
C LEU A 45 0.43 14.58 44.07
N LYS A 46 -0.28 13.59 44.59
CA LYS A 46 0.20 12.72 45.65
C LYS A 46 1.05 11.58 45.09
N ASN A 47 0.84 11.26 43.82
CA ASN A 47 1.65 10.23 43.17
C ASN A 47 2.96 10.85 42.68
N ALA A 48 4.06 10.42 43.31
CA ALA A 48 5.38 11.01 43.07
C ALA A 48 5.84 10.77 41.63
N LYS A 49 5.68 9.56 41.12
CA LYS A 49 6.12 9.31 39.72
C LYS A 49 5.32 10.19 38.73
N LEU A 50 4.02 10.40 38.97
CA LEU A 50 3.21 11.19 38.06
C LEU A 50 3.65 12.69 38.09
N ALA A 51 3.87 13.24 39.28
CA ALA A 51 4.38 14.62 39.42
C ALA A 51 5.74 14.79 38.73
N TRP A 52 6.61 13.79 38.88
CA TRP A 52 7.94 13.77 38.23
C TRP A 52 7.79 13.71 36.70
N PHE A 54 5.16 14.70 34.92
CA PHE A 54 4.66 16.00 34.50
C PHE A 54 5.80 17.04 34.43
N THR A 55 6.66 17.08 35.44
CA THR A 55 7.76 18.00 35.52
C THR A 55 8.74 17.78 34.35
N ASN A 56 9.03 16.51 34.03
CA ASN A 56 9.89 16.19 32.89
C ASN A 56 9.25 16.60 31.53
N CYS A 57 7.96 16.32 31.40
CA CYS A 57 7.26 16.33 30.10
C CYS A 57 6.67 17.68 29.71
N PHE A 58 5.91 18.30 30.59
CA PHE A 58 5.17 19.52 30.22
C PHE A 58 6.08 20.62 29.64
N PRO A 59 7.28 20.87 30.25
CA PRO A 59 8.14 21.95 29.75
C PRO A 59 9.14 21.49 28.69
N ASN A 60 9.09 20.23 28.27
CA ASN A 60 10.18 19.64 27.45
C ASN A 60 10.45 20.43 26.17
N THR A 61 9.37 20.88 25.54
CA THR A 61 9.49 21.68 24.31
C THR A 61 10.31 22.95 24.57
N LEU A 62 9.93 23.70 25.59
CA LEU A 62 10.66 24.92 25.95
C LEU A 62 12.08 24.58 26.36
N ASP A 63 12.24 23.53 27.16
CA ASP A 63 13.55 23.14 27.63
C ASP A 63 14.49 22.78 26.50
N THR A 64 14.00 22.13 25.45
CA THR A 64 14.93 21.41 24.57
C THR A 64 14.80 21.71 23.06
N THR A 65 13.74 22.40 22.59
CA THR A 65 13.48 22.52 21.13
C THR A 65 13.17 23.92 20.58
N VAL A 66 13.01 24.92 21.47
CA VAL A 66 12.54 26.26 21.07
C VAL A 66 13.69 27.24 20.91
N HIS A 67 13.81 27.81 19.71
CA HIS A 67 14.77 28.86 19.40
C HIS A 67 13.99 30.13 19.04
N PHE A 68 13.81 30.98 20.03
CA PHE A 68 13.08 32.21 19.90
C PHE A 68 14.08 33.32 19.57
N ARG A 69 13.71 34.18 18.63
CA ARG A 69 14.44 35.42 18.35
C ARG A 69 13.52 36.52 17.82
N LYS A 70 14.04 37.74 17.82
CA LYS A 70 13.35 38.83 17.11
C LYS A 70 13.95 38.90 15.70
N GLY A 71 13.09 38.94 14.69
CA GLY A 71 13.50 38.95 13.31
C GLY A 71 14.13 40.32 13.06
N SER A 72 14.79 40.45 11.91
CA SER A 72 15.40 41.72 11.47
CA SER A 72 15.40 41.72 11.49
C SER A 72 14.33 42.81 11.40
N ASP A 73 13.12 42.39 10.99
CA ASP A 73 11.98 43.28 10.77
C ASP A 73 11.21 43.67 12.05
N GLY A 74 11.69 43.25 13.22
CA GLY A 74 10.99 43.51 14.47
C GLY A 74 10.09 42.36 14.98
N LYS A 75 9.60 41.53 14.06
CA LYS A 75 8.56 40.52 14.37
C LYS A 75 9.16 39.29 15.11
N PRO A 76 8.39 38.70 16.03
CA PRO A 76 8.87 37.51 16.69
C PRO A 76 9.02 36.37 15.67
N ASP A 77 10.01 35.51 15.92
CA ASP A 77 10.26 34.35 15.05
C ASP A 77 10.76 33.24 15.92
N THR A 78 10.10 32.08 15.84
CA THR A 78 10.48 30.95 16.67
C THR A 78 10.65 29.73 15.79
N PHE A 79 11.84 29.15 15.86
CA PHE A 79 12.11 27.87 15.21
C PHE A 79 11.99 26.76 16.25
N VAL A 80 11.24 25.72 15.92
CA VAL A 80 10.94 24.62 16.85
C VAL A 80 11.33 23.28 16.23
N TYR A 81 12.40 22.67 16.74
CA TYR A 81 12.85 21.34 16.30
C TYR A 81 11.96 20.25 16.86
N THR A 82 11.88 19.10 16.20
CA THR A 82 11.06 17.99 16.72
CA THR A 82 11.05 18.02 16.69
C THR A 82 11.66 17.36 17.93
N GLY A 83 12.97 17.44 18.02
CA GLY A 83 13.72 16.85 19.13
C GLY A 83 14.78 16.00 18.51
N ASP A 84 14.63 14.66 18.65
CA ASP A 84 15.67 13.77 18.15
C ASP A 84 15.71 13.61 16.63
N ILE A 85 14.73 14.16 15.90
CA ILE A 85 14.96 14.48 14.47
C ILE A 85 15.17 16.00 14.30
N HIS A 86 16.31 16.41 13.75
CA HIS A 86 16.67 17.86 13.76
C HIS A 86 16.15 18.77 12.64
N ALA A 87 14.83 19.06 12.61
CA ALA A 87 14.22 20.05 11.66
C ALA A 87 12.87 20.47 12.28
N TRP A 89 8.81 20.50 11.86
CA TRP A 89 7.63 20.02 11.16
C TRP A 89 6.53 21.05 11.44
N LEU A 90 5.71 21.34 10.44
CA LEU A 90 4.49 22.15 10.63
C LEU A 90 3.60 21.47 11.68
N ARG A 91 3.36 20.18 11.52
CA ARG A 91 2.61 19.42 12.51
C ARG A 91 3.20 19.45 13.91
N ASP A 92 4.46 18.97 14.08
CA ASP A 92 5.02 18.84 15.42
CA ASP A 92 5.03 18.78 15.36
C ASP A 92 5.12 20.15 16.09
N SER A 93 5.57 21.17 15.38
CA SER A 93 5.66 22.50 16.00
C SER A 93 4.30 23.03 16.44
N GLY A 94 3.29 22.84 15.61
CA GLY A 94 1.91 23.19 15.91
C GLY A 94 1.34 22.55 17.16
N ALA A 95 1.76 21.30 17.41
CA ALA A 95 1.33 20.54 18.57
C ALA A 95 2.19 20.78 19.81
N GLN A 96 3.49 20.93 19.59
CA GLN A 96 4.40 21.07 20.68
C GLN A 96 4.11 22.24 21.58
N VAL A 97 3.67 23.37 21.01
CA VAL A 97 3.42 24.55 21.83
C VAL A 97 1.95 24.78 22.16
N TRP A 98 1.08 23.94 21.56
CA TRP A 98 -0.36 24.02 21.81
C TRP A 98 -0.79 24.18 23.27
N PRO A 99 -0.27 23.34 24.19
CA PRO A 99 -0.75 23.50 25.57
C PRO A 99 -0.31 24.74 26.29
N TYR A 100 0.61 25.48 25.69
CA TYR A 100 1.06 26.70 26.31
C TYR A 100 0.19 27.89 26.00
N VAL A 101 -0.64 27.77 24.95
CA VAL A 101 -1.44 28.92 24.59
C VAL A 101 -2.33 29.39 25.75
N GLN A 102 -2.87 28.44 26.50
CA GLN A 102 -3.74 28.75 27.67
C GLN A 102 -3.06 29.59 28.73
N LEU A 103 -1.73 29.66 28.71
CA LEU A 103 -0.97 30.46 29.65
C LEU A 103 -0.52 31.81 29.12
N ALA A 104 -0.78 32.07 27.83
CA ALA A 104 -0.18 33.21 27.15
C ALA A 104 -0.61 34.57 27.70
N ASN A 105 -1.83 34.67 28.24
CA ASN A 105 -2.28 35.93 28.83
C ASN A 105 -1.61 36.30 30.15
N SER A 106 -0.92 35.34 30.76
CA SER A 106 -0.17 35.61 31.97
C SER A 106 1.31 35.81 31.80
N ASP A 107 1.81 35.66 30.59
CA ASP A 107 3.25 35.58 30.37
C ASP A 107 3.56 36.20 29.00
N PRO A 108 3.94 37.49 28.96
CA PRO A 108 4.24 38.18 27.70
C PRO A 108 5.36 37.55 26.86
N GLU A 109 6.37 37.02 27.53
CA GLU A 109 7.51 36.41 26.84
CA GLU A 109 7.51 36.39 26.85
C GLU A 109 7.03 35.12 26.15
N LEU A 110 6.26 34.31 26.87
CA LEU A 110 5.67 33.09 26.29
C LEU A 110 4.79 33.45 25.10
N LYS A 111 3.96 34.47 25.29
CA LYS A 111 3.00 34.88 24.25
C LYS A 111 3.74 35.30 22.97
N GLU A 112 4.80 36.10 23.10
CA GLU A 112 5.56 36.50 21.95
C GLU A 112 6.22 35.29 21.28
N LEU A 114 5.04 32.29 21.14
CA LEU A 114 3.98 31.58 20.46
C LEU A 114 3.62 32.33 19.15
N ALA A 115 3.56 33.66 19.17
CA ALA A 115 3.33 34.44 17.96
C ALA A 115 4.44 34.11 16.94
N GLY A 116 5.67 34.00 17.42
CA GLY A 116 6.78 33.69 16.54
C GLY A 116 6.74 32.32 15.87
N VAL A 117 6.17 31.34 16.57
CA VAL A 117 5.98 30.01 15.99
C VAL A 117 5.03 30.15 14.82
N ILE A 118 3.91 30.82 15.06
CA ILE A 118 2.87 30.98 14.08
C ILE A 118 3.38 31.71 12.86
N LEU A 119 4.10 32.84 13.05
CA LEU A 119 4.65 33.57 11.92
C LEU A 119 5.69 32.74 11.16
N ARG A 120 6.51 31.96 11.86
CA ARG A 120 7.47 31.07 11.20
C ARG A 120 6.71 30.00 10.40
N GLN A 121 5.62 29.47 10.94
CA GLN A 121 4.80 28.50 10.21
C GLN A 121 4.27 29.07 8.92
N PHE A 122 3.77 30.33 8.97
CA PHE A 122 3.26 30.95 7.75
C PHE A 122 4.36 31.13 6.73
N LYS A 123 5.54 31.51 7.20
CA LYS A 123 6.69 31.64 6.28
CA LYS A 123 6.69 31.64 6.29
C LYS A 123 7.00 30.31 5.60
N CYS A 124 6.99 29.25 6.38
CA CYS A 124 7.21 27.87 5.84
C CYS A 124 6.21 27.55 4.75
N ILE A 125 4.94 27.75 5.05
CA ILE A 125 3.87 27.46 4.07
C ILE A 125 4.12 28.21 2.78
N ASN A 126 4.59 29.49 2.86
CA ASN A 126 4.80 30.30 1.68
C ASN A 126 6.06 29.86 0.89
N ILE A 127 7.02 29.27 1.58
CA ILE A 127 8.19 28.67 0.89
C ILE A 127 7.74 27.46 0.02
N ASP A 128 6.92 26.60 0.60
CA ASP A 128 6.38 25.44 -0.13
C ASP A 128 5.22 24.80 0.63
N PRO A 129 4.00 25.05 0.17
CA PRO A 129 2.80 24.56 0.88
C PRO A 129 2.61 23.06 0.78
N TYR A 130 3.44 22.37 0.00
CA TYR A 130 3.45 20.88 -0.04
C TYR A 130 4.42 20.24 0.98
N ALA A 131 5.36 21.02 1.55
CA ALA A 131 6.37 20.47 2.41
C ALA A 131 5.94 20.29 3.86
N ASN A 132 6.40 19.18 4.46
CA ASN A 132 6.11 18.87 5.85
C ASN A 132 7.14 19.42 6.80
N ALA A 133 8.39 19.55 6.35
CA ALA A 133 9.53 19.80 7.28
C ALA A 133 10.51 20.80 6.69
N PHE A 134 10.96 21.75 7.54
CA PHE A 134 11.70 22.89 7.13
C PHE A 134 13.02 23.04 7.95
N ASN A 135 14.02 23.53 7.25
CA ASN A 135 15.33 23.90 7.86
C ASN A 135 15.28 25.34 8.43
N ASP A 136 16.21 25.66 9.31
CA ASP A 136 16.35 27.03 9.79
C ASP A 136 17.30 27.71 8.83
N GLY A 137 16.77 28.17 7.71
CA GLY A 137 17.65 28.64 6.64
C GLY A 137 17.92 27.55 5.61
N ALA A 138 18.83 27.82 4.69
CA ALA A 138 19.13 26.90 3.58
C ALA A 138 20.19 25.83 3.92
N ILE A 139 19.90 24.58 3.63
CA ILE A 139 20.87 23.48 3.79
C ILE A 139 20.88 22.72 2.46
N PRO A 140 21.61 23.25 1.47
CA PRO A 140 21.66 22.64 0.14
C PRO A 140 22.08 21.16 0.07
N ASP A 141 22.97 20.68 0.96
CA ASP A 141 23.28 19.26 1.01
CA ASP A 141 23.29 19.26 1.00
C ASP A 141 22.52 18.50 2.08
N GLY A 142 21.30 18.93 2.37
CA GLY A 142 20.47 18.24 3.34
C GLY A 142 20.16 16.82 2.91
N HIS A 143 19.86 16.02 3.93
CA HIS A 143 19.78 14.55 3.82
C HIS A 143 18.84 14.11 2.72
N TRP A 144 17.75 14.87 2.52
CA TRP A 144 16.70 14.46 1.58
C TRP A 144 16.71 15.27 0.31
N SER A 146 18.11 14.73 -2.37
CA SER A 146 18.12 13.79 -3.47
CA SER A 146 18.08 13.86 -3.55
C SER A 146 16.73 13.19 -3.78
N ASP A 147 15.76 13.46 -2.92
CA ASP A 147 14.42 12.95 -3.20
C ASP A 147 13.94 13.34 -4.58
N LEU A 148 13.17 12.42 -5.15
CA LEU A 148 12.62 12.59 -6.47
C LEU A 148 11.34 13.43 -6.37
N THR A 149 11.55 14.72 -6.17
CA THR A 149 10.48 15.70 -6.07
C THR A 149 11.17 17.08 -6.26
N ASP A 150 10.37 18.14 -6.32
CA ASP A 150 10.92 19.49 -6.43
C ASP A 150 11.40 20.02 -5.08
N LYS A 152 13.85 22.30 -2.40
CA LYS A 152 14.48 23.62 -2.22
C LYS A 152 15.39 23.45 -0.97
N PRO A 153 16.54 24.17 -0.90
CA PRO A 153 17.42 24.03 0.26
C PRO A 153 16.80 24.39 1.62
N GLU A 154 15.74 25.21 1.60
CA GLU A 154 14.99 25.57 2.80
CA GLU A 154 15.01 25.57 2.82
C GLU A 154 14.16 24.44 3.38
N LEU A 155 13.98 23.37 2.58
CA LEU A 155 13.15 22.26 3.01
C LEU A 155 14.01 21.13 3.57
N HIS A 156 13.55 20.58 4.70
CA HIS A 156 14.09 19.30 5.19
C HIS A 156 13.49 18.11 4.45
N GLU A 157 12.19 18.16 4.24
CA GLU A 157 11.46 17.07 3.61
C GLU A 157 10.22 17.62 2.95
N ARG A 158 9.83 17.01 1.85
CA ARG A 158 8.68 17.48 1.07
C ARG A 158 7.64 16.39 0.88
N LYS A 159 7.19 15.83 1.99
CA LYS A 159 6.08 14.88 1.99
C LYS A 159 4.78 15.66 2.17
N TRP A 160 3.92 15.59 1.19
CA TRP A 160 2.58 16.24 1.24
C TRP A 160 1.62 15.53 2.23
N GLU A 161 1.30 16.25 3.29
CA GLU A 161 0.41 15.84 4.36
C GLU A 161 -0.57 16.97 4.62
N ILE A 162 -1.88 16.73 4.34
CA ILE A 162 -2.92 17.75 4.56
C ILE A 162 -2.76 18.39 5.92
N ASP A 163 -2.47 17.56 6.94
CA ASP A 163 -2.49 18.04 8.33
C ASP A 163 -1.36 19.07 8.59
N SER A 164 -0.33 19.06 7.76
CA SER A 164 0.73 20.08 7.82
C SER A 164 0.18 21.50 7.74
N LEU A 165 -0.84 21.69 6.91
CA LEU A 165 -1.44 23.01 6.70
C LEU A 165 -2.51 23.31 7.74
N CYS A 166 -3.05 22.27 8.36
CA CYS A 166 -4.08 22.41 9.38
C CYS A 166 -3.52 22.84 10.72
N TYR A 167 -2.44 22.18 11.14
CA TYR A 167 -1.94 22.44 12.47
C TYR A 167 -1.62 23.95 12.70
N PRO A 168 -1.00 24.64 11.73
CA PRO A 168 -0.76 26.10 11.94
C PRO A 168 -2.02 26.93 12.04
N LEU A 169 -3.03 26.59 11.23
CA LEU A 169 -4.34 27.26 11.26
CA LEU A 169 -4.32 27.28 11.28
C LEU A 169 -4.99 27.08 12.65
N ARG A 170 -4.99 25.84 13.13
CA ARG A 170 -5.46 25.53 14.47
C ARG A 170 -4.74 26.34 15.58
N LEU A 171 -3.41 26.38 15.52
CA LEU A 171 -2.63 27.11 16.51
C LEU A 171 -2.93 28.59 16.48
N ALA A 172 -2.94 29.15 15.26
CA ALA A 172 -3.21 30.60 15.11
C ALA A 172 -4.59 30.98 15.63
N TYR A 173 -5.60 30.19 15.30
CA TYR A 173 -6.96 30.48 15.75
C TYR A 173 -7.06 30.46 17.26
N HIS A 174 -6.47 29.46 17.90
CA HIS A 174 -6.52 29.36 19.38
C HIS A 174 -5.74 30.49 20.04
N TYR A 175 -4.60 30.83 19.45
CA TYR A 175 -3.81 31.99 19.89
C TYR A 175 -4.66 33.26 19.84
N TRP A 176 -5.33 33.47 18.72
CA TRP A 176 -6.13 34.66 18.52
C TRP A 176 -7.31 34.71 19.48
N LYS A 177 -8.06 33.60 19.57
CA LYS A 177 -9.22 33.55 20.44
C LYS A 177 -8.80 33.75 21.92
N THR A 178 -7.66 33.19 22.33
CA THR A 178 -7.23 33.23 23.72
C THR A 178 -6.74 34.61 24.13
N THR A 179 -5.91 35.20 23.28
CA THR A 179 -5.16 36.43 23.59
C THR A 179 -5.76 37.72 23.04
N GLY A 180 -6.59 37.62 22.00
CA GLY A 180 -7.12 38.79 21.31
C GLY A 180 -6.15 39.44 20.35
N ASP A 181 -4.94 38.87 20.20
CA ASP A 181 -3.90 39.45 19.38
C ASP A 181 -4.09 39.04 17.92
N ALA A 182 -4.54 39.98 17.11
CA ALA A 182 -4.71 39.72 15.68
C ALA A 182 -3.53 40.18 14.83
N SER A 183 -2.43 40.57 15.46
CA SER A 183 -1.29 41.12 14.73
C SER A 183 -0.60 40.08 13.87
N ILE A 184 -0.84 38.79 14.16
CA ILE A 184 -0.27 37.70 13.37
C ILE A 184 -0.95 37.55 11.98
N PHE A 185 -2.09 38.21 11.78
CA PHE A 185 -2.86 38.06 10.55
C PHE A 185 -2.56 39.16 9.53
N ASN A 186 -1.26 39.24 9.20
CA ASN A 186 -0.68 40.19 8.27
C ASN A 186 -0.65 39.64 6.84
N GLU A 187 0.12 40.31 6.00
CA GLU A 187 0.15 39.91 4.57
CA GLU A 187 0.30 39.98 4.58
C GLU A 187 0.80 38.53 4.37
N GLU A 188 1.71 38.12 5.26
CA GLU A 188 2.23 36.74 5.18
C GLU A 188 1.17 35.70 5.47
N TRP A 189 0.28 36.03 6.39
CA TRP A 189 -0.90 35.20 6.62
C TRP A 189 -1.79 35.11 5.42
N ILE A 190 -2.05 36.22 4.76
CA ILE A 190 -2.94 36.21 3.56
C ILE A 190 -2.32 35.29 2.49
N GLN A 191 -1.01 35.45 2.30
CA GLN A 191 -0.27 34.62 1.35
CA GLN A 191 -0.26 34.62 1.35
C GLN A 191 -0.38 33.14 1.74
N ALA A 192 -0.28 32.83 3.04
CA ALA A 192 -0.31 31.45 3.50
C ALA A 192 -1.69 30.82 3.28
N ILE A 193 -2.74 31.49 3.73
CA ILE A 193 -4.10 30.92 3.53
C ILE A 193 -4.45 30.80 2.05
N THR A 194 -3.99 31.78 1.24
CA THR A 194 -4.17 31.65 -0.21
C THR A 194 -3.49 30.41 -0.73
N ASN A 195 -2.28 30.14 -0.24
CA ASN A 195 -1.55 28.93 -0.60
C ASN A 195 -2.28 27.65 -0.13
N VAL A 196 -2.85 27.69 1.09
CA VAL A 196 -3.59 26.54 1.61
C VAL A 196 -4.76 26.21 0.68
N LEU A 197 -5.56 27.23 0.34
CA LEU A 197 -6.69 27.02 -0.54
C LEU A 197 -6.25 26.44 -1.89
N LYS A 198 -5.17 26.99 -2.44
CA LYS A 198 -4.70 26.59 -3.77
CA LYS A 198 -4.71 26.58 -3.77
C LYS A 198 -4.26 25.13 -3.74
N THR A 199 -3.51 24.76 -2.69
CA THR A 199 -2.99 23.41 -2.52
C THR A 199 -4.09 22.36 -2.29
N PHE A 200 -4.97 22.63 -1.35
CA PHE A 200 -6.15 21.77 -1.15
C PHE A 200 -6.93 21.56 -2.42
N LYS A 201 -7.16 22.63 -3.20
CA LYS A 201 -7.95 22.51 -4.43
C LYS A 201 -7.19 21.70 -5.48
N GLU A 202 -5.89 21.94 -5.63
CA GLU A 202 -5.08 21.08 -6.50
C GLU A 202 -5.22 19.61 -6.14
N GLN A 203 -5.31 19.34 -4.84
CA GLN A 203 -5.31 17.97 -4.39
C GLN A 203 -6.69 17.32 -4.36
N GLN A 204 -7.73 18.08 -4.75
CA GLN A 204 -8.98 17.43 -5.10
C GLN A 204 -8.88 16.70 -6.43
N ARG A 205 -7.88 17.07 -7.24
CA ARG A 205 -7.62 16.35 -8.54
C ARG A 205 -8.80 16.28 -9.50
N LYS A 206 -9.57 17.38 -9.57
CA LYS A 206 -10.76 17.39 -10.38
C LYS A 206 -10.39 17.41 -11.86
N ASP A 207 -9.35 18.19 -12.19
CA ASP A 207 -8.98 18.43 -13.60
C ASP A 207 -7.66 17.77 -14.06
N GLY A 208 -7.08 16.96 -13.18
CA GLY A 208 -5.82 16.30 -13.48
C GLY A 208 -5.18 15.89 -12.17
N VAL A 209 -3.99 15.29 -12.24
CA VAL A 209 -3.42 14.71 -11.05
C VAL A 209 -2.74 15.72 -10.16
N GLY A 210 -2.54 16.94 -10.67
CA GLY A 210 -1.94 18.02 -9.89
C GLY A 210 -0.43 18.12 -10.06
N PRO A 211 0.19 19.05 -9.33
CA PRO A 211 1.60 19.36 -9.58
C PRO A 211 2.58 18.67 -8.65
N TYR A 212 2.06 17.89 -7.73
CA TYR A 212 2.85 17.21 -6.69
C TYR A 212 3.07 15.75 -7.05
N LYS A 213 4.35 15.38 -7.11
CA LYS A 213 4.73 13.98 -7.18
CA LYS A 213 4.80 14.02 -7.31
C LYS A 213 5.98 13.75 -6.36
N PHE A 214 6.09 12.54 -5.85
CA PHE A 214 7.16 12.20 -4.91
C PHE A 214 7.55 10.74 -5.02
N GLN A 215 8.83 10.50 -5.17
CA GLN A 215 9.45 9.20 -4.92
C GLN A 215 10.79 9.39 -4.20
N ARG A 216 11.24 8.32 -3.55
CA ARG A 216 12.51 8.27 -2.88
C ARG A 216 13.07 6.88 -2.98
N LYS A 217 14.38 6.77 -3.25
CA LYS A 217 15.05 5.47 -3.24
CA LYS A 217 15.06 5.48 -3.24
C LYS A 217 15.26 5.06 -1.79
N THR A 218 14.44 4.09 -1.34
CA THR A 218 14.41 3.69 0.05
C THR A 218 13.94 2.24 0.16
N GLU A 219 14.42 1.55 1.20
CA GLU A 219 13.90 0.22 1.48
CA GLU A 219 13.94 0.22 1.56
C GLU A 219 12.54 0.27 2.17
N ARG A 220 12.18 1.45 2.68
CA ARG A 220 10.92 1.62 3.42
C ARG A 220 9.80 1.92 2.41
N ALA A 221 8.87 0.96 2.25
CA ALA A 221 7.82 1.03 1.28
C ALA A 221 6.93 2.27 1.37
N LEU A 222 6.68 2.74 2.59
CA LEU A 222 5.76 3.85 2.81
C LEU A 222 6.50 5.21 2.83
N ASP A 223 7.80 5.19 2.55
CA ASP A 223 8.57 6.42 2.33
C ASP A 223 8.74 6.74 0.83
N THR A 224 8.01 6.03 -0.04
CA THR A 224 7.91 6.37 -1.47
C THR A 224 6.49 6.05 -1.94
N VAL A 225 6.17 6.42 -3.18
CA VAL A 225 4.77 6.50 -3.64
C VAL A 225 4.60 5.79 -4.97
N SER A 226 3.57 4.90 -5.03
CA SER A 226 3.28 4.08 -6.18
C SER A 226 2.93 4.87 -7.46
N ASN A 227 2.83 4.15 -8.57
CA ASN A 227 2.29 4.75 -9.82
C ASN A 227 3.17 5.97 -10.17
N ASP A 228 4.49 5.75 -10.19
CA ASP A 228 5.46 6.82 -10.54
C ASP A 228 5.28 8.07 -9.70
N GLY A 229 4.98 7.93 -8.40
CA GLY A 229 4.93 9.06 -7.53
C GLY A 229 3.62 9.79 -7.45
N LEU A 230 2.59 9.20 -8.05
CA LEU A 230 1.21 9.76 -8.05
C LEU A 230 0.28 9.08 -7.05
N GLY A 231 0.66 7.89 -6.55
CA GLY A 231 -0.17 7.06 -5.69
C GLY A 231 -1.38 6.44 -6.38
N ALA A 232 -2.11 5.64 -5.63
CA ALA A 232 -3.23 4.89 -6.17
C ALA A 232 -4.31 5.85 -6.69
N PRO A 233 -4.91 5.56 -7.86
CA PRO A 233 -5.93 6.47 -8.38
C PRO A 233 -7.04 6.80 -7.40
N VAL A 234 -7.49 8.05 -7.43
CA VAL A 234 -8.70 8.46 -6.75
C VAL A 234 -9.73 8.94 -7.78
N LYS A 235 -11.00 8.86 -7.41
CA LYS A 235 -12.03 9.44 -8.18
C LYS A 235 -12.36 10.78 -7.52
N PRO A 236 -12.40 11.90 -8.28
CA PRO A 236 -12.42 13.23 -7.62
C PRO A 236 -13.78 13.69 -7.17
N VAL A 237 -14.24 13.08 -6.09
CA VAL A 237 -15.57 13.32 -5.52
C VAL A 237 -15.69 14.55 -4.61
N GLY A 238 -14.59 15.27 -4.41
CA GLY A 238 -14.57 16.51 -3.64
C GLY A 238 -13.65 16.43 -2.40
N LEU A 239 -13.20 15.23 -2.04
CA LEU A 239 -12.24 15.05 -0.93
C LEU A 239 -10.87 15.51 -1.41
N ILE A 240 -9.97 15.69 -0.46
CA ILE A 240 -8.60 16.16 -0.71
C ILE A 240 -7.66 14.98 -0.52
N VAL A 241 -6.80 14.76 -1.53
CA VAL A 241 -5.70 13.79 -1.41
C VAL A 241 -4.67 14.22 -0.37
N SER A 242 -4.25 13.27 0.49
CA SER A 242 -3.08 13.44 1.30
C SER A 242 -2.10 12.36 0.82
N SER A 243 -0.91 12.75 0.36
CA SER A 243 0.02 11.72 -0.14
C SER A 243 0.56 10.89 1.00
N PHE A 244 0.77 11.56 2.14
CA PHE A 244 1.28 10.95 3.37
C PHE A 244 0.38 11.31 4.54
N ARG A 245 0.48 10.48 5.54
CA ARG A 245 -0.20 10.63 6.78
C ARG A 245 0.58 11.43 7.80
N PRO A 246 -0.05 11.76 8.94
CA PRO A 246 0.71 12.41 9.99
C PRO A 246 1.81 11.54 10.62
N SER A 247 1.77 10.23 10.37
CA SER A 247 2.90 9.33 10.65
C SER A 247 4.10 9.52 9.74
N ASP A 248 3.93 10.31 8.69
CA ASP A 248 4.88 10.45 7.59
C ASP A 248 4.88 9.21 6.65
N ASP A 249 3.97 8.25 6.87
CA ASP A 249 3.84 7.09 5.97
C ASP A 249 2.91 7.45 4.81
N ALA A 250 3.24 6.95 3.62
CA ALA A 250 2.34 7.07 2.48
C ALA A 250 0.94 6.51 2.78
N THR A 251 -0.10 7.17 2.28
CA THR A 251 -1.46 6.65 2.35
C THR A 251 -1.63 5.41 1.45
N THR A 252 -2.59 4.56 1.79
CA THR A 252 -2.94 3.45 0.91
C THR A 252 -3.97 3.91 -0.08
N LEU A 253 -5.15 4.25 0.39
CA LEU A 253 -6.13 4.98 -0.39
C LEU A 253 -5.97 6.44 -0.07
N GLN A 254 -5.93 7.31 -1.07
CA GLN A 254 -5.31 8.60 -0.83
C GLN A 254 -6.24 9.70 -0.22
N PHE A 255 -7.55 9.47 -0.16
CA PHE A 255 -8.42 10.39 0.58
C PHE A 255 -8.37 10.01 2.06
N LEU A 256 -7.45 10.66 2.78
CA LEU A 256 -7.19 10.32 4.21
C LEU A 256 -8.26 11.03 5.06
N VAL A 257 -9.10 10.23 5.70
CA VAL A 257 -10.35 10.73 6.27
C VAL A 257 -10.17 11.63 7.50
N PRO A 258 -9.34 11.23 8.48
CA PRO A 258 -9.22 12.13 9.65
C PRO A 258 -8.63 13.51 9.25
N SER A 259 -7.70 13.50 8.29
CA SER A 259 -7.13 14.75 7.75
C SER A 259 -8.11 15.60 6.99
N ASN A 260 -9.01 14.98 6.24
CA ASN A 260 -10.08 15.72 5.58
C ASN A 260 -11.02 16.37 6.60
N PHE A 261 -11.37 15.63 7.68
CA PHE A 261 -12.22 16.21 8.74
C PHE A 261 -11.48 17.37 9.41
N PHE A 262 -10.16 17.27 9.56
CA PHE A 262 -9.34 18.35 10.16
C PHE A 262 -9.28 19.57 9.22
N ALA A 263 -9.27 19.34 7.91
CA ALA A 263 -9.29 20.43 6.93
C ALA A 263 -10.59 21.23 7.01
N VAL A 264 -11.70 20.52 7.19
CA VAL A 264 -13.00 21.20 7.34
C VAL A 264 -12.98 22.20 8.51
N SER A 265 -12.55 21.73 9.68
CA SER A 265 -12.50 22.61 10.85
C SER A 265 -11.53 23.76 10.67
N SER A 266 -10.39 23.45 10.08
CA SER A 266 -9.32 24.44 9.94
C SER A 266 -9.70 25.53 8.91
N LEU A 267 -10.34 25.12 7.81
CA LEU A 267 -10.84 26.10 6.85
C LEU A 267 -11.93 27.00 7.43
N ARG A 268 -12.76 26.45 8.28
CA ARG A 268 -13.77 27.27 8.90
C ARG A 268 -13.19 28.27 9.93
N LYS A 269 -12.15 27.86 10.66
CA LYS A 269 -11.40 28.80 11.48
C LYS A 269 -10.80 29.90 10.62
N ALA A 270 -10.15 29.53 9.51
CA ALA A 270 -9.54 30.52 8.62
C ALA A 270 -10.63 31.47 8.07
N ALA A 271 -11.82 30.93 7.79
CA ALA A 271 -12.93 31.76 7.27
C ALA A 271 -13.31 32.84 8.28
N GLU A 272 -13.40 32.47 9.56
CA GLU A 272 -13.74 33.40 10.61
C GLU A 272 -12.71 34.49 10.76
N ILE A 273 -11.44 34.10 10.78
CA ILE A 273 -10.35 35.07 10.90
C ILE A 273 -10.42 36.06 9.71
N LEU A 274 -10.52 35.53 8.49
CA LEU A 274 -10.53 36.39 7.30
C LEU A 274 -11.70 37.38 7.33
N GLU A 275 -12.87 36.93 7.83
CA GLU A 275 -14.04 37.81 7.94
C GLU A 275 -13.87 38.87 9.04
N LYS A 276 -13.52 38.42 10.23
CA LYS A 276 -13.55 39.26 11.41
C LYS A 276 -12.31 40.16 11.55
N VAL A 277 -11.13 39.64 11.23
CA VAL A 277 -9.89 40.37 11.35
C VAL A 277 -9.60 41.11 10.06
N ASN A 278 -9.51 40.34 8.97
CA ASN A 278 -9.01 40.90 7.72
C ASN A 278 -10.07 41.62 6.87
N LYS A 279 -11.34 41.40 7.16
CA LYS A 279 -12.46 41.94 6.41
C LYS A 279 -12.34 41.55 4.93
N LYS A 280 -11.95 40.31 4.68
CA LYS A 280 -11.83 39.78 3.29
C LYS A 280 -12.96 38.75 3.10
N THR A 281 -14.14 39.26 2.74
CA THR A 281 -15.32 38.40 2.66
CA THR A 281 -15.36 38.45 2.62
C THR A 281 -15.24 37.38 1.53
N ALA A 282 -14.59 37.72 0.40
CA ALA A 282 -14.45 36.77 -0.70
C ALA A 282 -13.56 35.58 -0.36
N LEU A 283 -12.38 35.88 0.20
CA LEU A 283 -11.46 34.82 0.61
C LEU A 283 -12.03 33.99 1.76
N SER A 284 -12.79 34.66 2.62
CA SER A 284 -13.44 33.97 3.71
C SER A 284 -14.44 32.95 3.13
N LYS A 285 -15.25 33.38 2.15
CA LYS A 285 -16.25 32.54 1.55
C LYS A 285 -15.58 31.38 0.81
N GLU A 286 -14.45 31.61 0.15
CA GLU A 286 -13.76 30.51 -0.50
CA GLU A 286 -13.72 30.52 -0.50
C GLU A 286 -13.38 29.41 0.52
N CYS A 287 -12.91 29.80 1.69
CA CYS A 287 -12.61 28.84 2.78
C CYS A 287 -13.89 28.09 3.22
N LYS A 288 -14.98 28.84 3.46
CA LYS A 288 -16.24 28.24 3.93
C LYS A 288 -16.79 27.27 2.92
N ASP A 289 -16.76 27.67 1.65
CA ASP A 289 -17.30 26.84 0.58
C ASP A 289 -16.51 25.55 0.37
N LEU A 290 -15.19 25.64 0.44
CA LEU A 290 -14.36 24.46 0.33
C LEU A 290 -14.61 23.52 1.54
N ALA A 291 -14.69 24.08 2.75
CA ALA A 291 -14.96 23.28 3.94
C ALA A 291 -16.27 22.50 3.77
N GLN A 292 -17.29 23.18 3.28
CA GLN A 292 -18.58 22.57 3.06
C GLN A 292 -18.54 21.48 1.98
N GLU A 293 -17.83 21.72 0.87
CA GLU A 293 -17.69 20.71 -0.15
C GLU A 293 -17.07 19.45 0.44
N VAL A 294 -15.99 19.61 1.21
CA VAL A 294 -15.31 18.46 1.79
C VAL A 294 -16.20 17.72 2.79
N GLU A 295 -16.87 18.48 3.64
CA GLU A 295 -17.79 17.90 4.63
C GLU A 295 -18.89 17.09 3.94
N THR A 296 -19.48 17.59 2.86
CA THR A 296 -20.58 16.89 2.19
C THR A 296 -20.02 15.58 1.60
N ALA A 297 -18.80 15.63 1.05
CA ALA A 297 -18.17 14.46 0.43
C ALA A 297 -17.81 13.43 1.50
N LEU A 298 -17.39 13.88 2.69
CA LEU A 298 -17.13 12.94 3.78
C LEU A 298 -18.40 12.19 4.19
N LYS A 299 -19.48 12.94 4.30
CA LYS A 299 -20.76 12.34 4.70
C LYS A 299 -21.18 11.32 3.66
N LYS A 300 -20.89 11.57 2.38
CA LYS A 300 -21.33 10.67 1.32
C LYS A 300 -20.42 9.44 1.09
N TYR A 301 -19.12 9.58 1.38
CA TYR A 301 -18.13 8.56 1.02
C TYR A 301 -17.33 7.92 2.17
N ALA A 302 -17.29 8.54 3.35
CA ALA A 302 -16.38 8.07 4.41
C ALA A 302 -17.02 7.15 5.41
N VAL A 303 -18.32 6.93 5.31
CA VAL A 303 -19.05 6.09 6.28
C VAL A 303 -19.21 4.67 5.68
N TYR A 304 -18.78 3.69 6.47
CA TYR A 304 -18.80 2.26 6.12
C TYR A 304 -19.72 1.51 7.06
N ASN A 305 -20.57 0.64 6.51
CA ASN A 305 -21.50 -0.17 7.31
C ASN A 305 -20.81 -1.44 7.75
N HIS A 306 -20.18 -1.38 8.92
CA HIS A 306 -19.39 -2.49 9.41
C HIS A 306 -20.35 -3.55 10.02
N PRO A 307 -20.22 -4.83 9.64
CA PRO A 307 -21.12 -5.83 10.15
C PRO A 307 -21.08 -6.05 11.68
N LYS A 308 -19.91 -5.80 12.29
CA LYS A 308 -19.76 -5.90 13.72
C LYS A 308 -20.09 -4.60 14.44
N TYR A 309 -19.54 -3.48 13.99
CA TYR A 309 -19.59 -2.22 14.74
C TYR A 309 -20.68 -1.25 14.32
N GLY A 310 -21.33 -1.53 13.20
CA GLY A 310 -22.34 -0.60 12.69
C GLY A 310 -21.68 0.43 11.79
N LYS A 311 -22.34 1.57 11.60
CA LYS A 311 -21.76 2.65 10.80
C LYS A 311 -20.50 3.18 11.47
N ILE A 312 -19.41 3.13 10.75
CA ILE A 312 -18.14 3.70 11.20
C ILE A 312 -17.53 4.62 10.16
N TYR A 313 -16.50 5.40 10.57
CA TYR A 313 -15.72 6.17 9.60
C TYR A 313 -14.52 5.34 9.16
N ALA A 314 -14.33 5.27 7.83
CA ALA A 314 -13.14 4.66 7.23
C ALA A 314 -11.92 5.55 7.51
N PHE A 315 -10.76 4.93 7.62
CA PHE A 315 -9.51 5.66 7.78
C PHE A 315 -9.11 6.36 6.46
N GLU A 316 -9.25 5.66 5.35
CA GLU A 316 -9.05 6.19 4.01
C GLU A 316 -10.11 5.66 3.05
N VAL A 317 -10.37 6.43 1.98
CA VAL A 317 -11.21 6.01 0.88
C VAL A 317 -10.56 6.49 -0.41
N ASP A 318 -11.00 5.97 -1.55
CA ASP A 318 -10.45 6.44 -2.87
C ASP A 318 -11.48 7.12 -3.77
N GLY A 319 -12.74 7.18 -3.34
CA GLY A 319 -13.82 7.71 -4.16
C GLY A 319 -14.38 6.75 -5.20
N PHE A 320 -13.73 5.60 -5.40
CA PHE A 320 -14.25 4.53 -6.26
C PHE A 320 -15.19 3.55 -5.57
N GLY A 321 -15.16 3.53 -4.24
CA GLY A 321 -15.89 2.57 -3.41
C GLY A 321 -14.99 1.75 -2.50
N ASN A 322 -13.68 1.97 -2.57
CA ASN A 322 -12.80 1.31 -1.62
C ASN A 322 -12.74 2.08 -0.29
N HIS A 323 -12.56 1.30 0.75
CA HIS A 323 -12.35 1.83 2.09
C HIS A 323 -11.19 1.08 2.72
N HIS A 324 -10.46 1.76 3.60
CA HIS A 324 -9.41 1.16 4.41
C HIS A 324 -9.83 1.33 5.89
N LEU A 325 -10.14 0.19 6.51
CA LEU A 325 -10.65 0.10 7.88
C LEU A 325 -9.51 -0.25 8.82
N ASP A 327 -6.83 2.17 12.02
CA ASP A 327 -6.48 3.51 12.54
C ASP A 327 -4.97 3.48 12.79
N ASP A 328 -4.32 4.64 12.76
CA ASP A 328 -2.93 4.83 13.10
C ASP A 328 -2.91 5.77 14.31
N ALA A 329 -1.95 5.58 15.18
CA ALA A 329 -1.81 6.41 16.40
C ALA A 329 -1.72 7.91 16.16
N ASN A 330 -1.07 8.32 15.07
CA ASN A 330 -0.76 9.74 14.90
C ASN A 330 -1.99 10.59 14.67
N VAL A 331 -1.99 11.74 15.34
CA VAL A 331 -3.09 12.66 15.24
C VAL A 331 -2.84 13.67 14.08
N PRO A 332 -3.81 13.89 13.19
CA PRO A 332 -5.17 13.40 13.19
C PRO A 332 -5.32 11.89 12.89
N SER A 333 -6.05 11.24 13.79
CA SER A 333 -6.44 9.81 13.69
C SER A 333 -7.96 9.78 13.80
N LEU A 334 -8.56 8.64 13.51
CA LEU A 334 -10.02 8.50 13.77
C LEU A 334 -10.30 8.64 15.28
N LEU A 335 -9.52 7.96 16.12
CA LEU A 335 -9.75 7.99 17.56
C LEU A 335 -9.76 9.46 18.08
N ALA A 336 -8.86 10.26 17.56
CA ALA A 336 -8.61 11.60 18.08
C ALA A 336 -9.55 12.70 17.54
N PRO A 338 -12.57 13.88 18.08
CA PRO A 338 -13.18 14.78 19.09
C PRO A 338 -12.16 15.65 19.83
N TYR A 339 -10.94 15.13 20.03
CA TYR A 339 -9.89 15.91 20.63
C TYR A 339 -9.59 17.15 19.80
N LEU A 340 -9.39 16.99 18.49
CA LEU A 340 -9.17 18.16 17.64
C LEU A 340 -10.42 19.04 17.44
N GLY A 341 -11.59 18.48 17.72
CA GLY A 341 -12.87 19.18 17.61
C GLY A 341 -13.52 18.97 16.23
N ASP A 342 -13.15 17.90 15.52
CA ASP A 342 -13.60 17.69 14.13
C ASP A 342 -14.93 16.92 14.03
N VAL A 343 -15.26 16.18 15.09
CA VAL A 343 -16.56 15.51 15.28
C VAL A 343 -16.88 15.63 16.76
N ASN A 344 -18.16 15.60 17.10
CA ASN A 344 -18.61 15.55 18.47
C ASN A 344 -18.31 14.18 19.06
N VAL A 345 -17.88 14.16 20.32
CA VAL A 345 -17.55 12.91 21.00
C VAL A 345 -18.74 11.97 21.05
N ASN A 346 -19.95 12.52 21.00
CA ASN A 346 -21.13 11.68 21.00
C ASN A 346 -21.81 11.47 19.64
N ASP A 347 -21.11 11.84 18.57
CA ASP A 347 -21.49 11.41 17.22
C ASP A 347 -21.56 9.85 17.30
N PRO A 348 -22.72 9.27 17.00
CA PRO A 348 -22.84 7.82 17.14
C PRO A 348 -21.89 7.02 16.20
N ILE A 349 -21.62 7.58 15.02
CA ILE A 349 -20.71 6.93 14.04
C ILE A 349 -19.30 6.99 14.64
N TYR A 350 -18.98 8.09 15.31
CA TYR A 350 -17.67 8.17 15.98
C TYR A 350 -17.61 7.11 17.09
N GLN A 351 -18.69 6.99 17.87
CA GLN A 351 -18.65 6.07 18.98
C GLN A 351 -18.47 4.60 18.49
N ASN A 352 -19.08 4.26 17.36
CA ASN A 352 -18.88 2.94 16.76
C ASN A 352 -17.43 2.79 16.30
N THR A 353 -16.91 3.85 15.69
CA THR A 353 -15.52 3.87 15.17
C THR A 353 -14.55 3.66 16.33
N ARG A 354 -14.83 4.32 17.45
CA ARG A 354 -14.01 4.23 18.65
CA ARG A 354 -13.97 4.22 18.60
C ARG A 354 -13.90 2.77 19.09
N ARG A 355 -15.03 2.06 19.08
CA ARG A 355 -15.03 0.64 19.49
C ARG A 355 -14.22 -0.18 18.48
N PHE A 356 -14.35 0.15 17.21
CA PHE A 356 -13.64 -0.56 16.14
C PHE A 356 -12.11 -0.38 16.24
N VAL A 357 -11.66 0.87 16.36
CA VAL A 357 -10.22 1.14 16.25
C VAL A 357 -9.46 0.56 17.44
N TRP A 358 -10.08 0.49 18.61
CA TRP A 358 -9.45 -0.07 19.83
C TRP A 358 -9.91 -1.53 19.98
N SER A 359 -9.60 -2.33 18.98
CA SER A 359 -10.00 -3.74 18.92
C SER A 359 -9.07 -4.50 18.00
N GLU A 360 -9.11 -5.84 18.15
CA GLU A 360 -8.32 -6.67 17.23
C GLU A 360 -8.93 -6.83 15.84
N ASP A 361 -10.03 -6.12 15.54
CA ASP A 361 -10.46 -5.96 14.16
C ASP A 361 -9.70 -4.90 13.37
N ASN A 362 -8.96 -4.05 14.09
CA ASN A 362 -8.05 -3.02 13.50
C ASN A 362 -6.69 -3.68 13.32
N PRO A 363 -6.20 -3.76 12.06
CA PRO A 363 -4.91 -4.41 11.85
C PRO A 363 -3.74 -3.79 12.57
N TYR A 364 -3.86 -2.52 12.96
CA TYR A 364 -2.78 -1.87 13.68
C TYR A 364 -3.06 -1.63 15.17
N PHE A 365 -4.01 -2.37 15.73
CA PHE A 365 -4.17 -2.43 17.19
C PHE A 365 -3.37 -3.62 17.73
N PHE A 366 -2.62 -3.39 18.79
CA PHE A 366 -1.84 -4.46 19.41
C PHE A 366 -2.13 -4.54 20.90
N LYS A 367 -2.14 -5.78 21.40
CA LYS A 367 -2.42 -6.05 22.82
C LYS A 367 -1.43 -7.10 23.30
N GLY A 368 -0.71 -6.77 24.37
CA GLY A 368 0.21 -7.71 25.01
C GLY A 368 0.28 -7.66 26.51
N LYS A 369 1.36 -8.21 27.02
CA LYS A 369 1.55 -8.41 28.46
C LYS A 369 1.69 -7.07 29.20
N ALA A 370 2.20 -6.03 28.53
CA ALA A 370 2.54 -4.76 29.19
C ALA A 370 1.53 -3.65 28.93
N GLY A 371 0.70 -3.82 27.91
CA GLY A 371 -0.24 -2.80 27.54
C GLY A 371 -0.84 -3.08 26.19
N GLU A 372 -1.62 -2.14 25.72
CA GLU A 372 -2.35 -2.27 24.48
C GLU A 372 -2.60 -0.89 23.87
N GLY A 373 -2.89 -0.87 22.59
CA GLY A 373 -3.17 0.37 21.91
C GLY A 373 -2.90 0.32 20.44
N ILE A 374 -2.93 1.47 19.81
CA ILE A 374 -2.81 1.55 18.34
C ILE A 374 -1.38 1.98 17.98
N GLY A 375 -0.88 1.41 16.90
CA GLY A 375 0.41 1.79 16.30
C GLY A 375 0.18 2.16 14.87
N GLY A 376 0.78 1.38 14.00
CA GLY A 376 0.76 1.64 12.58
C GLY A 376 1.91 1.02 11.85
N PRO A 377 1.99 1.24 10.53
CA PRO A 377 3.06 0.60 9.76
C PRO A 377 4.40 1.37 9.85
N HIS A 378 4.42 2.52 10.51
CA HIS A 378 5.65 3.30 10.62
C HIS A 378 6.81 2.53 11.31
N ILE A 379 6.49 1.99 12.49
CA ILE A 379 7.39 1.18 13.32
C ILE A 379 7.06 -0.32 13.17
N GLY A 380 5.83 -0.65 12.79
CA GLY A 380 5.45 -2.05 12.45
C GLY A 380 4.81 -2.82 13.56
N TYR A 381 4.87 -4.13 13.41
CA TYR A 381 4.08 -5.01 14.25
C TYR A 381 4.41 -4.88 15.74
N ASP A 382 3.35 -4.89 16.54
CA ASP A 382 3.40 -5.05 17.99
C ASP A 382 3.95 -3.86 18.76
N VAL A 384 3.13 -0.34 20.19
CA VAL A 384 2.03 0.52 20.62
C VAL A 384 2.56 1.95 20.79
N TRP A 385 1.81 2.95 20.31
CA TRP A 385 2.21 4.34 20.54
C TRP A 385 1.48 4.92 21.76
N PRO A 386 2.24 5.46 22.73
CA PRO A 386 1.56 6.20 23.80
C PRO A 386 0.58 7.26 23.32
N SER A 388 -1.74 7.02 21.17
CA SER A 388 -3.08 6.42 21.09
C SER A 388 -3.75 6.33 22.47
N ILE A 389 -2.99 5.95 23.48
CA ILE A 389 -3.50 5.81 24.86
C ILE A 389 -3.89 7.21 25.38
N LYS A 392 -7.12 8.14 23.73
CA LYS A 392 -8.23 7.43 24.34
CA LYS A 392 -8.22 7.42 24.34
CA LYS A 392 -8.24 7.44 24.33
C LYS A 392 -8.66 8.19 25.59
N ALA A 393 -7.67 8.67 26.38
CA ALA A 393 -7.96 9.42 27.62
C ALA A 393 -8.56 10.82 27.31
N PHE A 394 -8.00 11.53 26.32
CA PHE A 394 -8.59 12.83 25.90
C PHE A 394 -10.07 12.75 25.44
N THR A 395 -10.47 11.62 24.82
CA THR A 395 -11.76 11.51 24.23
C THR A 395 -12.67 10.65 25.11
N SER A 396 -12.22 10.36 26.34
CA SER A 396 -12.97 9.52 27.25
C SER A 396 -14.06 10.31 27.98
N GLN A 397 -15.16 9.61 28.24
CA GLN A 397 -16.27 10.14 29.01
C GLN A 397 -16.50 9.41 30.35
N ASN A 398 -15.50 8.64 30.81
CA ASN A 398 -15.56 7.76 31.98
CA ASN A 398 -15.60 8.02 32.11
C ASN A 398 -14.26 7.90 32.80
N ASP A 399 -14.32 8.24 34.09
CA ASP A 399 -13.12 8.42 34.90
C ASP A 399 -12.31 7.13 35.00
N ALA A 400 -12.99 5.99 35.06
CA ALA A 400 -12.28 4.72 35.20
C ALA A 400 -11.39 4.45 34.00
N GLU A 401 -11.92 4.76 32.84
CA GLU A 401 -11.20 4.59 31.56
C GLU A 401 -9.99 5.53 31.57
N ILE A 402 -10.22 6.78 31.95
CA ILE A 402 -9.13 7.77 32.04
C ILE A 402 -8.01 7.28 32.94
N LYS A 403 -8.38 6.81 34.14
CA LYS A 403 -7.45 6.26 35.08
C LYS A 403 -6.62 5.11 34.48
N THR A 404 -7.28 4.18 33.83
CA THR A 404 -6.55 3.05 33.22
C THR A 404 -5.50 3.54 32.20
N CYS A 405 -5.87 4.57 31.43
CA CYS A 405 -4.96 5.13 30.45
C CYS A 405 -3.79 5.84 31.14
N ILE A 406 -4.06 6.65 32.15
CA ILE A 406 -2.95 7.32 32.84
C ILE A 406 -2.01 6.28 33.44
N LYS A 407 -2.57 5.26 34.09
CA LYS A 407 -1.73 4.24 34.72
CA LYS A 407 -1.71 4.25 34.73
C LYS A 407 -0.89 3.52 33.68
N LEU A 409 0.16 4.73 30.76
CA LEU A 409 1.23 5.65 30.35
C LEU A 409 2.39 5.64 31.36
N ASP A 411 3.09 3.17 33.48
CA ASP A 411 3.70 1.84 33.55
C ASP A 411 4.47 1.42 32.31
N THR A 412 4.40 2.19 31.23
CA THR A 412 5.05 1.79 30.00
C THR A 412 6.18 2.77 29.54
N ASP A 413 6.70 3.57 30.47
CA ASP A 413 7.80 4.53 30.18
C ASP A 413 9.20 3.95 30.28
N ALA A 414 9.31 2.66 30.64
CA ALA A 414 10.61 2.03 30.87
C ALA A 414 11.45 2.76 31.89
N GLY A 415 10.77 3.44 32.83
CA GLY A 415 11.41 4.22 33.87
C GLY A 415 12.15 5.47 33.44
N THR A 416 11.93 5.92 32.19
CA THR A 416 12.65 7.09 31.67
C THR A 416 12.08 8.41 32.16
N GLY A 417 10.80 8.38 32.57
CA GLY A 417 10.07 9.59 32.95
C GLY A 417 9.54 10.43 31.78
N PHE A 418 9.60 9.91 30.55
CA PHE A 418 9.23 10.62 29.32
C PHE A 418 8.29 9.76 28.45
N HIS A 420 7.47 8.15 24.87
CA HIS A 420 8.13 7.63 23.70
C HIS A 420 7.25 7.60 22.45
N GLU A 421 7.91 7.40 21.31
CA GLU A 421 7.17 7.18 20.07
C GLU A 421 6.35 5.89 20.18
N SER A 422 7.01 4.78 20.50
CA SER A 422 6.32 3.49 20.58
C SER A 422 7.02 2.57 21.52
N PHE A 423 6.33 1.54 21.98
CA PHE A 423 6.93 0.57 22.88
C PHE A 423 6.33 -0.79 22.54
N HIS A 424 7.07 -1.86 22.79
CA HIS A 424 6.59 -3.18 22.49
C HIS A 424 5.49 -3.63 23.46
N LYS A 425 4.40 -4.16 22.90
CA LYS A 425 3.22 -4.60 23.69
C LYS A 425 3.55 -5.53 24.86
N ASP A 426 4.64 -6.28 24.79
CA ASP A 426 5.03 -7.23 25.86
C ASP A 426 6.16 -6.74 26.73
N ASN A 427 6.77 -5.61 26.36
CA ASN A 427 8.01 -5.13 26.98
C ASN A 427 8.31 -3.68 26.66
N PRO A 428 7.93 -2.78 27.57
CA PRO A 428 8.14 -1.36 27.31
C PRO A 428 9.60 -0.94 27.24
N LYS A 429 10.51 -1.81 27.70
CA LYS A 429 11.93 -1.49 27.61
C LYS A 429 12.44 -1.50 26.17
N LYS A 430 11.70 -2.17 25.28
CA LYS A 430 11.91 -2.05 23.84
C LYS A 430 11.03 -0.93 23.32
N PHE A 431 11.66 0.21 23.04
CA PHE A 431 10.91 1.40 22.64
C PHE A 431 11.66 2.20 21.60
N THR A 432 10.96 3.13 20.95
CA THR A 432 11.52 4.02 19.96
C THR A 432 11.31 5.50 20.35
N ARG A 433 12.28 6.34 19.96
CA ARG A 433 12.37 7.79 20.24
C ARG A 433 12.33 8.13 21.74
N ALA A 434 13.50 8.08 22.39
CA ALA A 434 13.67 8.49 23.77
C ALA A 434 13.25 9.96 23.97
N TRP A 435 13.50 10.80 22.95
CA TRP A 435 13.29 12.24 23.03
C TRP A 435 12.28 12.68 22.00
N PHE A 436 11.04 12.85 22.42
CA PHE A 436 9.95 13.16 21.47
C PHE A 436 9.06 14.25 22.06
N ALA A 437 9.44 15.50 21.80
CA ALA A 437 8.86 16.64 22.50
C ALA A 437 7.38 16.80 22.31
N TRP A 438 6.88 16.57 21.12
CA TRP A 438 5.45 16.59 20.90
C TRP A 438 4.71 15.70 21.93
N GLN A 439 5.20 14.48 22.09
CA GLN A 439 4.55 13.50 22.95
C GLN A 439 4.66 13.94 24.42
N ASN A 440 5.80 14.51 24.78
CA ASN A 440 5.95 15.03 26.13
C ASN A 440 4.95 16.15 26.44
N THR A 441 4.81 17.10 25.52
CA THR A 441 3.85 18.22 25.61
C THR A 441 2.42 17.67 25.80
N LEU A 442 2.09 16.67 25.00
CA LEU A 442 0.75 16.08 24.99
CA LEU A 442 0.78 16.06 24.98
C LEU A 442 0.44 15.46 26.35
N PHE A 443 1.41 14.75 26.93
CA PHE A 443 1.28 14.22 28.28
C PHE A 443 1.02 15.30 29.31
N GLY A 444 1.83 16.35 29.28
CA GLY A 444 1.64 17.46 30.20
C GLY A 444 0.24 18.09 29.95
N GLU A 445 -0.14 18.26 28.70
CA GLU A 445 -1.45 18.82 28.38
C GLU A 445 -2.60 18.00 29.03
N LEU A 446 -2.44 16.68 28.91
CA LEU A 446 -3.45 15.74 29.43
C LEU A 446 -3.59 15.87 30.92
N ILE A 447 -2.48 15.88 31.62
CA ILE A 447 -2.56 15.96 33.08
C ILE A 447 -3.11 17.33 33.50
N LEU A 448 -2.66 18.40 32.88
CA LEU A 448 -3.13 19.75 33.23
C LEU A 448 -4.62 19.92 32.93
N LYS A 449 -5.10 19.31 31.85
CA LYS A 449 -6.52 19.30 31.57
C LYS A 449 -7.30 18.66 32.71
N LEU A 450 -6.87 17.48 33.15
CA LEU A 450 -7.56 16.77 34.21
C LEU A 450 -7.55 17.56 35.52
N VAL A 451 -6.45 18.26 35.78
CA VAL A 451 -6.36 19.11 37.00
C VAL A 451 -7.33 20.29 36.88
N ASN A 452 -7.31 20.96 35.74
CA ASN A 452 -8.17 22.10 35.50
C ASN A 452 -9.66 21.78 35.40
N GLU A 453 -9.99 20.53 35.09
CA GLU A 453 -11.36 20.00 35.13
C GLU A 453 -11.83 19.60 36.53
N GLY A 454 -10.95 19.67 37.52
CA GLY A 454 -11.29 19.32 38.91
C GLY A 454 -11.13 17.84 39.26
N LYS A 455 -10.39 17.10 38.43
CA LYS A 455 -10.23 15.69 38.64
C LYS A 455 -8.92 15.29 39.29
N VAL A 456 -8.33 16.17 40.11
CA VAL A 456 -7.09 15.76 40.77
C VAL A 456 -7.29 14.56 41.71
N ASP A 457 -8.50 14.36 42.25
CA ASP A 457 -8.71 13.26 43.18
CA ASP A 457 -8.79 13.23 43.16
C ASP A 457 -8.64 11.91 42.43
N LEU A 458 -9.12 11.90 41.17
CA LEU A 458 -8.91 10.75 40.30
C LEU A 458 -7.39 10.42 40.15
N LEU A 459 -6.57 11.42 39.84
CA LEU A 459 -5.12 11.20 39.69
C LEU A 459 -4.45 10.76 41.00
N ASN A 460 -4.92 11.36 42.10
CA ASN A 460 -4.44 11.01 43.44
C ASN A 460 -4.86 9.62 43.91
N SER A 461 -5.85 9.02 43.23
CA SER A 461 -6.26 7.62 43.51
C SER A 461 -5.36 6.55 42.85
N ILE A 462 -4.39 6.99 42.04
CA ILE A 462 -3.42 6.08 41.42
C ILE A 462 -2.28 5.83 42.38
N GLN A 463 -2.06 4.57 42.73
CA GLN A 463 -1.05 4.20 43.70
C GLN A 463 0.28 4.01 43.00
N ASP B 19 7.39 -12.03 -42.45
CA ASP B 19 7.15 -11.98 -40.96
C ASP B 19 8.30 -11.43 -40.08
N ASN B 20 8.01 -11.21 -38.79
CA ASN B 20 8.97 -10.68 -37.82
C ASN B 20 9.63 -11.72 -36.90
N ARG B 21 9.58 -12.99 -37.27
CA ARG B 21 10.35 -13.99 -36.55
C ARG B 21 11.82 -13.82 -36.82
N PRO B 22 12.69 -14.31 -35.92
CA PRO B 22 14.11 -14.27 -36.20
C PRO B 22 14.43 -15.02 -37.49
N GLU B 23 15.58 -14.75 -38.10
CA GLU B 23 16.05 -15.64 -39.16
C GLU B 23 16.13 -17.07 -38.66
N ILE B 24 15.93 -18.05 -39.55
CA ILE B 24 15.85 -19.45 -39.14
C ILE B 24 17.10 -19.87 -38.35
N SER B 25 18.27 -19.43 -38.80
CA SER B 25 19.53 -19.87 -38.16
C SER B 25 19.65 -19.30 -36.75
N ASN B 26 18.85 -18.28 -36.45
CA ASN B 26 18.86 -17.65 -35.13
C ASN B 26 17.77 -18.12 -34.17
N ARG B 27 16.83 -18.93 -34.67
CA ARG B 27 15.78 -19.52 -33.82
C ARG B 27 16.32 -20.59 -32.88
N LEU B 28 15.97 -20.50 -31.61
CA LEU B 28 16.60 -21.34 -30.61
C LEU B 28 16.06 -22.78 -30.65
N PHE B 29 14.76 -22.95 -30.87
CA PHE B 29 14.15 -24.30 -30.81
C PHE B 29 13.12 -24.41 -31.90
N ARG B 30 13.25 -25.46 -32.71
CA ARG B 30 12.31 -25.71 -33.79
C ARG B 30 11.39 -26.90 -33.52
N SER B 31 10.10 -26.69 -33.67
CA SER B 31 9.12 -27.78 -33.60
C SER B 31 8.44 -27.96 -34.96
N ASN B 32 8.52 -29.19 -35.49
CA ASN B 32 7.79 -29.52 -36.71
C ASN B 32 6.29 -29.32 -36.56
N ALA B 33 5.70 -29.65 -35.42
CA ALA B 33 4.26 -29.52 -35.27
C ALA B 33 3.83 -28.08 -35.18
N VAL B 34 4.60 -27.25 -34.49
CA VAL B 34 4.33 -25.81 -34.48
C VAL B 34 4.39 -25.24 -35.91
N GLU B 35 5.41 -25.59 -36.69
CA GLU B 35 5.52 -25.03 -38.04
C GLU B 35 4.32 -25.44 -38.86
N LYS B 36 3.91 -26.70 -38.74
CA LYS B 36 2.77 -27.24 -39.49
C LYS B 36 1.47 -26.52 -39.09
N GLU B 37 1.29 -26.27 -37.79
CA GLU B 37 0.13 -25.53 -37.34
C GLU B 37 0.10 -24.07 -37.81
N ILE B 38 1.27 -23.41 -37.90
CA ILE B 38 1.34 -22.06 -38.41
C ILE B 38 0.88 -22.07 -39.88
N LEU B 39 1.32 -23.08 -40.63
CA LEU B 39 0.89 -23.14 -42.02
C LEU B 39 -0.63 -23.34 -42.15
N ARG B 40 -1.18 -24.20 -41.29
CA ARG B 40 -2.62 -24.48 -41.29
C ARG B 40 -3.48 -23.24 -40.99
N VAL B 41 -3.09 -22.48 -39.98
CA VAL B 41 -3.81 -21.27 -39.59
C VAL B 41 -3.68 -20.20 -40.70
N GLN B 42 -2.48 -20.04 -41.25
CA GLN B 42 -2.22 -19.07 -42.32
C GLN B 42 -3.19 -19.31 -43.49
N LYS B 43 -3.43 -20.58 -43.81
CA LYS B 43 -4.35 -20.94 -44.92
C LYS B 43 -5.82 -20.67 -44.57
N LEU B 44 -6.19 -20.82 -43.30
CA LEU B 44 -7.59 -20.59 -42.90
C LEU B 44 -7.95 -19.09 -42.74
N LEU B 45 -6.98 -18.27 -42.33
CA LEU B 45 -7.24 -16.85 -42.05
C LEU B 45 -7.11 -15.93 -43.24
N LYS B 46 -8.17 -15.16 -43.48
CA LYS B 46 -8.25 -14.26 -44.62
C LYS B 46 -7.70 -12.89 -44.32
N ASN B 47 -7.70 -12.48 -43.04
CA ASN B 47 -7.08 -11.22 -42.68
C ASN B 47 -5.53 -11.35 -42.62
N ALA B 48 -4.87 -10.65 -43.54
CA ALA B 48 -3.41 -10.70 -43.66
C ALA B 48 -2.72 -10.25 -42.38
N LYS B 49 -3.20 -9.17 -41.74
CA LYS B 49 -2.54 -8.67 -40.52
C LYS B 49 -2.64 -9.71 -39.42
N LEU B 50 -3.82 -10.32 -39.30
CA LEU B 50 -4.04 -11.34 -38.27
C LEU B 50 -3.16 -12.58 -38.49
N ALA B 51 -3.11 -13.07 -39.74
CA ALA B 51 -2.26 -14.21 -40.07
C ALA B 51 -0.81 -13.94 -39.76
N TRP B 52 -0.35 -12.72 -40.06
CA TRP B 52 1.02 -12.26 -39.79
C TRP B 52 1.33 -12.21 -38.30
N PHE B 54 -0.30 -13.80 -35.94
CA PHE B 54 -0.26 -15.20 -35.47
C PHE B 54 1.12 -15.83 -35.69
N THR B 55 1.62 -15.66 -36.90
CA THR B 55 2.91 -16.21 -37.29
C THR B 55 4.07 -15.68 -36.45
N ASN B 56 4.04 -14.38 -36.17
CA ASN B 56 5.06 -13.77 -35.28
C ASN B 56 5.00 -14.30 -33.85
N CYS B 57 3.77 -14.43 -33.35
CA CYS B 57 3.55 -14.56 -31.91
C CYS B 57 3.52 -16.00 -31.43
N PHE B 58 2.81 -16.87 -32.15
CA PHE B 58 2.60 -18.26 -31.65
C PHE B 58 3.91 -19.01 -31.37
N PRO B 59 4.92 -18.87 -32.26
CA PRO B 59 6.19 -19.56 -32.07
C PRO B 59 7.24 -18.76 -31.33
N ASN B 60 6.92 -17.55 -30.90
CA ASN B 60 7.95 -16.62 -30.39
C ASN B 60 8.74 -17.19 -29.23
N THR B 61 8.05 -17.93 -28.37
CA THR B 61 8.74 -18.60 -27.29
C THR B 61 9.88 -19.53 -27.79
N LEU B 62 9.54 -20.38 -28.74
CA LEU B 62 10.48 -21.36 -29.26
C LEU B 62 11.59 -20.66 -30.03
N ASP B 63 11.19 -19.65 -30.81
CA ASP B 63 12.15 -18.85 -31.55
C ASP B 63 13.21 -18.15 -30.70
N THR B 64 12.84 -17.64 -29.53
CA THR B 64 13.66 -16.60 -28.90
C THR B 64 14.09 -16.85 -27.45
N THR B 65 13.48 -17.85 -26.80
CA THR B 65 13.60 -18.04 -25.35
C THR B 65 13.95 -19.43 -24.82
N VAL B 66 13.89 -20.47 -25.66
CA VAL B 66 13.99 -21.86 -25.20
C VAL B 66 15.36 -22.49 -25.39
N HIS B 67 15.93 -23.00 -24.31
CA HIS B 67 17.25 -23.65 -24.32
C HIS B 67 17.08 -25.10 -23.87
N PHE B 68 16.97 -26.02 -24.83
CA PHE B 68 16.74 -27.42 -24.52
C PHE B 68 18.07 -28.16 -24.47
N ARG B 69 18.26 -28.98 -23.45
CA ARG B 69 19.40 -29.88 -23.38
C ARG B 69 19.09 -31.12 -22.53
N LYS B 70 20.06 -32.04 -22.44
CA LYS B 70 20.02 -33.14 -21.46
C LYS B 70 20.94 -32.85 -20.27
N GLY B 71 20.46 -33.09 -19.04
CA GLY B 71 21.27 -32.91 -17.84
C GLY B 71 22.25 -34.07 -17.64
N SER B 72 23.08 -33.96 -16.58
CA SER B 72 24.07 -34.99 -16.22
C SER B 72 23.43 -36.38 -16.09
N ASP B 73 22.16 -36.42 -15.67
CA ASP B 73 21.42 -37.68 -15.54
C ASP B 73 20.75 -38.17 -16.83
N GLY B 74 20.92 -37.46 -17.94
CA GLY B 74 20.28 -37.84 -19.20
C GLY B 74 18.79 -37.44 -19.30
N LYS B 75 18.24 -36.81 -18.26
CA LYS B 75 16.86 -36.40 -18.29
C LYS B 75 16.78 -35.08 -19.08
N PRO B 76 15.66 -34.84 -19.78
CA PRO B 76 15.50 -33.53 -20.43
C PRO B 76 15.50 -32.36 -19.45
N ASP B 77 16.00 -31.20 -19.90
CA ASP B 77 16.08 -30.00 -19.11
C ASP B 77 16.01 -28.82 -20.04
N THR B 78 15.07 -27.91 -19.79
CA THR B 78 14.81 -26.79 -20.66
C THR B 78 14.76 -25.51 -19.82
N PHE B 79 15.65 -24.59 -20.16
CA PHE B 79 15.61 -23.28 -19.59
C PHE B 79 14.85 -22.34 -20.52
N VAL B 80 13.98 -21.52 -19.95
CA VAL B 80 13.07 -20.65 -20.72
C VAL B 80 13.17 -19.22 -20.18
N TYR B 81 13.73 -18.31 -20.98
CA TYR B 81 13.84 -16.92 -20.59
C TYR B 81 12.53 -16.19 -20.88
N THR B 82 12.28 -15.05 -20.22
CA THR B 82 11.00 -14.34 -20.41
C THR B 82 10.96 -13.56 -21.73
N GLY B 83 12.14 -13.27 -22.27
CA GLY B 83 12.29 -12.32 -23.40
C GLY B 83 13.24 -11.23 -23.00
N ASP B 84 12.75 -9.97 -22.98
CA ASP B 84 13.62 -8.82 -22.71
C ASP B 84 13.98 -8.65 -21.21
N ILE B 85 13.55 -9.57 -20.36
CA ILE B 85 14.17 -9.72 -19.01
C ILE B 85 14.83 -11.10 -19.02
N HIS B 86 16.15 -11.10 -18.91
CA HIS B 86 16.96 -12.30 -19.10
C HIS B 86 17.07 -13.18 -17.83
N ALA B 87 15.95 -13.81 -17.48
CA ALA B 87 15.91 -14.82 -16.42
C ALA B 87 14.67 -15.69 -16.71
N TRP B 89 11.18 -17.04 -15.25
CA TRP B 89 10.15 -16.95 -14.23
C TRP B 89 9.39 -18.27 -14.21
N LEU B 90 9.03 -18.74 -13.03
CA LEU B 90 8.19 -19.92 -12.92
C LEU B 90 6.83 -19.64 -13.63
N ARG B 91 6.28 -18.46 -13.40
CA ARG B 91 5.03 -18.07 -14.10
C ARG B 91 5.16 -18.00 -15.62
N ASP B 92 6.05 -17.14 -16.12
CA ASP B 92 6.15 -16.94 -17.56
C ASP B 92 6.47 -18.27 -18.27
N SER B 93 7.41 -19.04 -17.74
CA SER B 93 7.76 -20.29 -18.40
C SER B 93 6.58 -21.24 -18.40
N GLY B 94 5.82 -21.34 -17.34
CA GLY B 94 4.64 -22.20 -17.39
C GLY B 94 3.54 -21.82 -18.34
N ALA B 95 3.42 -20.54 -18.61
CA ALA B 95 2.46 -20.04 -19.59
C ALA B 95 3.06 -20.04 -20.99
N GLN B 96 4.38 -19.80 -21.11
CA GLN B 96 5.01 -19.64 -22.44
C GLN B 96 4.93 -20.87 -23.31
N VAL B 97 4.93 -22.05 -22.70
CA VAL B 97 4.86 -23.26 -23.47
C VAL B 97 3.50 -23.94 -23.38
N TRP B 98 2.57 -23.36 -22.62
CA TRP B 98 1.25 -23.96 -22.45
C TRP B 98 0.50 -24.40 -23.71
N PRO B 99 0.36 -23.50 -24.70
CA PRO B 99 -0.39 -23.95 -25.89
C PRO B 99 0.30 -24.94 -26.79
N TYR B 100 1.56 -25.27 -26.53
CA TYR B 100 2.24 -26.29 -27.31
C TYR B 100 1.90 -27.70 -26.82
N VAL B 101 1.42 -27.83 -25.56
CA VAL B 101 1.13 -29.15 -25.03
C VAL B 101 0.17 -29.94 -25.94
N GLN B 102 -0.83 -29.25 -26.50
CA GLN B 102 -1.82 -29.90 -27.37
C GLN B 102 -1.23 -30.46 -28.65
N LEU B 103 0.00 -30.11 -29.00
CA LEU B 103 0.69 -30.64 -30.18
C LEU B 103 1.70 -31.74 -29.84
N ALA B 104 1.89 -32.04 -28.56
CA ALA B 104 3.04 -32.87 -28.14
C ALA B 104 2.96 -34.32 -28.62
N ASN B 105 1.74 -34.83 -28.80
CA ASN B 105 1.57 -36.24 -29.18
C ASN B 105 1.99 -36.49 -30.60
N SER B 106 2.12 -35.43 -31.39
CA SER B 106 2.53 -35.56 -32.80
C SER B 106 4.01 -35.23 -33.03
N ASP B 107 4.73 -34.85 -31.97
CA ASP B 107 6.08 -34.25 -32.10
C ASP B 107 6.96 -34.61 -30.90
N PRO B 108 7.69 -35.74 -31.00
CA PRO B 108 8.52 -36.20 -29.92
C PRO B 108 9.50 -35.17 -29.39
N GLU B 109 10.08 -34.36 -30.27
CA GLU B 109 11.07 -33.38 -29.83
CA GLU B 109 11.07 -33.38 -29.85
C GLU B 109 10.41 -32.30 -29.01
N LEU B 110 9.23 -31.88 -29.46
CA LEU B 110 8.44 -30.88 -28.72
C LEU B 110 8.07 -31.43 -27.33
N LYS B 111 7.60 -32.67 -27.32
CA LYS B 111 7.22 -33.33 -26.06
C LYS B 111 8.35 -33.38 -25.05
N GLU B 112 9.54 -33.78 -25.48
CA GLU B 112 10.68 -33.88 -24.57
C GLU B 112 11.10 -32.49 -24.11
N LEU B 114 9.06 -30.02 -23.59
CA LEU B 114 8.09 -29.68 -22.58
C LEU B 114 8.39 -30.38 -21.25
N ALA B 115 8.71 -31.67 -21.33
CA ALA B 115 9.06 -32.40 -20.12
C ALA B 115 10.25 -31.68 -19.45
N GLY B 116 11.19 -31.20 -20.25
CA GLY B 116 12.37 -30.49 -19.74
C GLY B 116 12.04 -29.19 -19.03
N VAL B 117 11.01 -28.51 -19.49
CA VAL B 117 10.55 -27.30 -18.81
C VAL B 117 10.07 -27.62 -17.43
N ILE B 118 9.17 -28.62 -17.36
CA ILE B 118 8.58 -29.05 -16.09
C ILE B 118 9.65 -29.49 -15.14
N LEU B 119 10.60 -30.30 -15.61
CA LEU B 119 11.65 -30.77 -14.71
C LEU B 119 12.53 -29.61 -14.21
N ARG B 120 12.82 -28.67 -15.08
CA ARG B 120 13.58 -27.46 -14.68
C ARG B 120 12.78 -26.63 -13.67
N GLN B 121 11.45 -26.56 -13.85
CA GLN B 121 10.64 -25.86 -12.87
C GLN B 121 10.69 -26.51 -11.50
N PHE B 122 10.59 -27.83 -11.45
CA PHE B 122 10.72 -28.53 -10.16
C PHE B 122 12.09 -28.24 -9.54
N LYS B 123 13.16 -28.29 -10.33
CA LYS B 123 14.51 -27.95 -9.86
CA LYS B 123 14.48 -27.97 -9.82
C LYS B 123 14.53 -26.55 -9.24
N CYS B 124 13.87 -25.61 -9.89
CA CYS B 124 13.79 -24.24 -9.35
C CYS B 124 13.10 -24.18 -7.99
N ILE B 125 11.89 -24.79 -7.90
CA ILE B 125 11.14 -24.81 -6.66
C ILE B 125 12.00 -25.37 -5.53
N ASN B 126 12.78 -26.41 -5.81
CA ASN B 126 13.62 -27.04 -4.80
C ASN B 126 14.81 -26.19 -4.42
N ILE B 127 15.29 -25.36 -5.34
CA ILE B 127 16.40 -24.42 -4.95
C ILE B 127 15.85 -23.37 -3.95
N ASP B 128 14.64 -22.84 -4.21
CA ASP B 128 14.00 -21.88 -3.32
C ASP B 128 12.51 -21.72 -3.69
N PRO B 129 11.63 -22.30 -2.86
CA PRO B 129 10.22 -22.24 -3.17
C PRO B 129 9.56 -20.88 -2.96
N TYR B 130 10.29 -19.91 -2.40
CA TYR B 130 9.83 -18.53 -2.30
C TYR B 130 10.21 -17.65 -3.50
N ALA B 131 11.07 -18.17 -4.37
CA ALA B 131 11.65 -17.35 -5.43
C ALA B 131 10.82 -17.38 -6.74
N ASN B 132 10.74 -16.23 -7.36
CA ASN B 132 9.95 -16.09 -8.58
C ASN B 132 10.72 -16.27 -9.87
N ALA B 133 12.02 -15.93 -9.83
CA ALA B 133 12.85 -15.85 -11.04
C ALA B 133 14.25 -16.44 -10.79
N PHE B 134 14.70 -17.22 -11.76
CA PHE B 134 15.88 -18.07 -11.66
C PHE B 134 16.88 -17.79 -12.78
N ASN B 135 18.17 -17.96 -12.44
CA ASN B 135 19.26 -17.94 -13.41
C ASN B 135 19.59 -19.38 -13.86
N ASP B 136 20.28 -19.47 -14.98
CA ASP B 136 20.66 -20.77 -15.51
C ASP B 136 21.98 -21.16 -14.84
N GLY B 137 21.86 -21.72 -13.64
CA GLY B 137 22.99 -21.96 -12.78
C GLY B 137 23.33 -20.67 -12.06
N ALA B 138 24.36 -20.74 -11.22
CA ALA B 138 24.85 -19.57 -10.52
C ALA B 138 25.43 -18.54 -11.46
N ILE B 139 25.19 -17.28 -11.16
CA ILE B 139 25.93 -16.22 -11.81
C ILE B 139 26.48 -15.27 -10.76
N PRO B 140 27.56 -14.60 -11.09
CA PRO B 140 28.10 -13.66 -10.15
C PRO B 140 27.41 -12.28 -10.33
N ASP B 141 27.56 -11.44 -9.34
CA ASP B 141 27.11 -10.06 -9.48
CA ASP B 141 27.08 -10.05 -9.42
C ASP B 141 25.66 -9.89 -9.96
N GLY B 142 24.77 -10.78 -9.54
CA GLY B 142 23.40 -10.64 -9.95
C GLY B 142 22.85 -9.32 -9.44
N HIS B 143 22.02 -8.73 -10.28
CA HIS B 143 21.52 -7.39 -10.01
CA HIS B 143 21.37 -7.41 -10.10
C HIS B 143 20.71 -7.24 -8.72
N TRP B 144 19.94 -8.27 -8.34
CA TRP B 144 19.13 -8.23 -7.15
C TRP B 144 19.78 -8.91 -5.97
N SER B 146 21.55 -7.54 -3.87
CA SER B 146 21.51 -6.60 -2.80
C SER B 146 20.13 -6.49 -2.11
N ASP B 147 19.15 -7.25 -2.56
CA ASP B 147 17.84 -7.21 -1.92
C ASP B 147 17.99 -7.73 -0.47
N LEU B 148 17.22 -7.14 0.43
CA LEU B 148 17.24 -7.54 1.83
CA LEU B 148 17.22 -7.53 1.85
C LEU B 148 16.28 -8.73 1.97
N THR B 149 16.83 -9.89 1.63
CA THR B 149 16.12 -11.14 1.67
C THR B 149 17.22 -12.20 1.44
N ASP B 150 16.85 -13.48 1.52
CA ASP B 150 17.85 -14.56 1.42
C ASP B 150 18.14 -14.89 -0.02
N LYS B 152 20.54 -15.83 -3.33
CA LYS B 152 21.55 -16.85 -3.71
CA LYS B 152 21.69 -16.66 -3.67
C LYS B 152 21.93 -16.58 -5.17
N PRO B 153 23.14 -16.94 -5.58
CA PRO B 153 23.50 -16.69 -7.00
C PRO B 153 22.66 -17.40 -8.06
N GLU B 154 22.00 -18.48 -7.68
CA GLU B 154 21.12 -19.22 -8.56
CA GLU B 154 21.11 -19.23 -8.58
C GLU B 154 19.78 -18.52 -8.85
N LEU B 155 19.47 -17.51 -8.03
CA LEU B 155 18.21 -16.77 -8.15
C LEU B 155 18.43 -15.45 -8.86
N HIS B 156 17.50 -15.15 -9.75
CA HIS B 156 17.44 -13.79 -10.32
C HIS B 156 16.70 -12.85 -9.33
N GLU B 157 15.59 -13.32 -8.78
CA GLU B 157 14.78 -12.52 -7.87
C GLU B 157 14.05 -13.44 -6.91
N ARG B 158 13.74 -12.94 -5.71
CA ARG B 158 13.14 -13.72 -4.67
C ARG B 158 11.91 -12.97 -4.11
N LYS B 159 11.00 -12.65 -5.01
CA LYS B 159 9.66 -12.12 -4.68
C LYS B 159 8.68 -13.30 -4.60
N TRP B 160 8.08 -13.44 -3.42
CA TRP B 160 7.16 -14.51 -3.12
C TRP B 160 5.81 -14.19 -3.75
N GLU B 161 5.41 -15.03 -4.72
CA GLU B 161 4.15 -14.98 -5.48
C GLU B 161 3.55 -16.38 -5.50
N ILE B 162 2.38 -16.56 -4.89
CA ILE B 162 1.71 -17.85 -4.83
C ILE B 162 1.72 -18.50 -6.21
N ASP B 163 1.38 -17.73 -7.23
CA ASP B 163 1.16 -18.24 -8.55
C ASP B 163 2.44 -18.84 -9.16
N SER B 164 3.62 -18.44 -8.67
CA SER B 164 4.89 -19.04 -9.12
C SER B 164 4.87 -20.56 -8.92
N LEU B 165 4.25 -21.01 -7.84
CA LEU B 165 4.16 -22.43 -7.53
C LEU B 165 2.99 -23.13 -8.23
N CYS B 166 1.98 -22.35 -8.66
CA CYS B 166 0.81 -22.92 -9.33
C CYS B 166 1.08 -23.22 -10.81
N TYR B 167 1.74 -22.28 -11.50
CA TYR B 167 1.91 -22.43 -12.92
C TYR B 167 2.61 -23.74 -13.31
N PRO B 168 3.70 -24.13 -12.58
CA PRO B 168 4.32 -25.44 -12.91
C PRO B 168 3.36 -26.64 -12.68
N LEU B 169 2.62 -26.63 -11.59
CA LEU B 169 1.65 -27.71 -11.31
CA LEU B 169 1.65 -27.72 -11.30
C LEU B 169 0.63 -27.78 -12.44
N ARG B 170 0.12 -26.63 -12.83
CA ARG B 170 -0.78 -26.55 -13.96
C ARG B 170 -0.22 -27.16 -15.24
N LEU B 171 1.01 -26.77 -15.56
CA LEU B 171 1.67 -27.27 -16.78
C LEU B 171 1.89 -28.77 -16.72
N ALA B 172 2.37 -29.26 -15.57
CA ALA B 172 2.70 -30.67 -15.40
C ALA B 172 1.41 -31.52 -15.55
N TYR B 173 0.33 -31.04 -14.96
CA TYR B 173 -0.93 -31.78 -14.97
C TYR B 173 -1.45 -31.92 -16.41
N HIS B 174 -1.41 -30.81 -17.15
CA HIS B 174 -1.86 -30.80 -18.56
C HIS B 174 -0.95 -31.63 -19.47
N TYR B 175 0.36 -31.56 -19.29
CA TYR B 175 1.29 -32.45 -19.98
C TYR B 175 0.95 -33.93 -19.73
N TRP B 176 0.69 -34.27 -18.47
CA TRP B 176 0.41 -35.68 -18.10
C TRP B 176 -0.93 -36.16 -18.68
N LYS B 177 -1.98 -35.35 -18.54
CA LYS B 177 -3.27 -35.69 -19.08
C LYS B 177 -3.23 -35.81 -20.60
N THR B 178 -2.45 -34.94 -21.23
CA THR B 178 -2.41 -34.92 -22.69
C THR B 178 -1.63 -36.09 -23.25
N THR B 179 -0.44 -36.32 -22.69
CA THR B 179 0.51 -37.28 -23.26
C THR B 179 0.47 -38.66 -22.61
N GLY B 180 -0.01 -38.78 -21.36
CA GLY B 180 0.12 -40.02 -20.59
C GLY B 180 1.49 -40.27 -19.96
N ASP B 181 2.42 -39.33 -20.16
CA ASP B 181 3.80 -39.51 -19.73
C ASP B 181 3.91 -39.08 -18.28
N ALA B 182 4.00 -40.06 -17.40
CA ALA B 182 4.14 -39.83 -15.96
C ALA B 182 5.61 -39.78 -15.50
N SER B 183 6.55 -39.92 -16.43
CA SER B 183 7.96 -39.99 -16.05
C SER B 183 8.52 -38.75 -15.34
N ILE B 184 7.85 -37.62 -15.55
CA ILE B 184 8.18 -36.37 -14.90
C ILE B 184 7.93 -36.38 -13.38
N PHE B 185 7.18 -37.35 -12.86
CA PHE B 185 6.78 -37.32 -11.45
C PHE B 185 7.68 -38.21 -10.60
N ASN B 186 8.96 -37.84 -10.65
CA ASN B 186 10.06 -38.53 -10.01
C ASN B 186 10.32 -37.96 -8.60
N GLU B 187 11.48 -38.27 -8.02
CA GLU B 187 11.71 -37.83 -6.63
CA GLU B 187 11.87 -37.84 -6.68
C GLU B 187 11.88 -36.30 -6.54
N GLU B 188 12.32 -35.65 -7.61
CA GLU B 188 12.45 -34.19 -7.60
CA GLU B 188 12.46 -34.20 -7.67
C GLU B 188 11.08 -33.53 -7.60
N TRP B 189 10.08 -34.17 -8.26
CA TRP B 189 8.69 -33.78 -8.10
C TRP B 189 8.17 -33.91 -6.69
N ILE B 190 8.43 -35.05 -6.04
CA ILE B 190 7.98 -35.26 -4.67
C ILE B 190 8.57 -34.17 -3.79
N GLN B 191 9.86 -33.87 -3.98
CA GLN B 191 10.49 -32.78 -3.21
CA GLN B 191 10.49 -32.79 -3.20
C GLN B 191 9.82 -31.44 -3.48
N ALA B 192 9.46 -31.19 -4.72
CA ALA B 192 8.88 -29.91 -5.12
C ALA B 192 7.45 -29.76 -4.53
N ILE B 193 6.59 -30.76 -4.65
CA ILE B 193 5.26 -30.63 -4.08
C ILE B 193 5.32 -30.57 -2.58
N THR B 194 6.30 -31.24 -1.97
CA THR B 194 6.48 -31.17 -0.52
C THR B 194 6.88 -29.73 -0.13
N ASN B 195 7.73 -29.11 -0.92
CA ASN B 195 8.07 -27.69 -0.77
C ASN B 195 6.88 -26.73 -0.97
N VAL B 196 6.05 -27.04 -1.95
CA VAL B 196 4.84 -26.22 -2.21
C VAL B 196 3.90 -26.26 -0.98
N LEU B 197 3.66 -27.44 -0.44
CA LEU B 197 2.84 -27.58 0.75
C LEU B 197 3.41 -26.81 1.95
N LYS B 198 4.71 -26.98 2.20
CA LYS B 198 5.40 -26.33 3.33
CA LYS B 198 5.32 -26.34 3.36
C LYS B 198 5.27 -24.80 3.23
N THR B 199 5.49 -24.31 2.02
CA THR B 199 5.52 -22.87 1.74
C THR B 199 4.12 -22.27 1.87
N PHE B 200 3.14 -22.86 1.24
CA PHE B 200 1.76 -22.40 1.39
C PHE B 200 1.32 -22.40 2.85
N LYS B 201 1.66 -23.45 3.59
CA LYS B 201 1.25 -23.51 5.00
C LYS B 201 1.97 -22.44 5.81
N GLU B 202 3.29 -22.26 5.61
CA GLU B 202 4.01 -21.16 6.28
C GLU B 202 3.26 -19.83 6.07
N GLN B 203 2.81 -19.64 4.84
CA GLN B 203 2.17 -18.38 4.45
C GLN B 203 0.70 -18.24 4.77
N GLN B 204 0.14 -19.25 5.43
CA GLN B 204 -1.13 -19.04 6.11
C GLN B 204 -0.92 -18.26 7.44
N ARG B 205 0.32 -18.23 7.93
CA ARG B 205 0.70 -17.42 9.06
C ARG B 205 -0.11 -17.71 10.33
N LYS B 206 -0.49 -18.96 10.54
CA LYS B 206 -1.35 -19.34 11.68
C LYS B 206 -0.67 -19.18 13.03
N ASP B 207 0.59 -19.57 13.09
CA ASP B 207 1.32 -19.59 14.35
C ASP B 207 2.49 -18.56 14.43
N GLY B 208 2.59 -17.68 13.43
CA GLY B 208 3.66 -16.68 13.38
C GLY B 208 3.76 -16.14 11.98
N VAL B 209 4.63 -15.17 11.77
CA VAL B 209 4.67 -14.44 10.52
C VAL B 209 5.31 -15.20 9.40
N GLY B 210 6.06 -16.25 9.75
CA GLY B 210 6.73 -17.09 8.73
C GLY B 210 8.16 -16.68 8.49
N PRO B 211 8.86 -17.44 7.65
CA PRO B 211 10.30 -17.24 7.44
C PRO B 211 10.68 -16.30 6.31
N TYR B 212 9.68 -15.79 5.60
CA TYR B 212 9.88 -14.96 4.40
C TYR B 212 9.72 -13.46 4.71
N LYS B 213 10.78 -12.71 4.46
CA LYS B 213 10.84 -11.27 4.63
CA LYS B 213 10.71 -11.26 4.54
C LYS B 213 11.51 -10.69 3.37
N PHE B 214 11.09 -9.51 2.94
CA PHE B 214 11.67 -8.87 1.76
C PHE B 214 11.62 -7.37 1.81
N GLN B 215 12.78 -6.72 1.65
CA GLN B 215 12.80 -5.31 1.29
C GLN B 215 13.86 -5.10 0.21
N ARG B 216 13.75 -3.97 -0.47
CA ARG B 216 14.67 -3.53 -1.52
C ARG B 216 14.79 -2.02 -1.49
N LYS B 217 16.03 -1.48 -1.61
CA LYS B 217 16.19 -0.04 -1.71
CA LYS B 217 16.20 -0.04 -1.71
C LYS B 217 15.87 0.37 -3.14
N THR B 218 14.71 1.00 -3.28
CA THR B 218 14.16 1.34 -4.57
C THR B 218 13.21 2.53 -4.47
N GLU B 219 13.09 3.31 -5.53
CA GLU B 219 12.06 4.35 -5.64
C GLU B 219 10.66 3.82 -5.92
N ARG B 220 10.57 2.58 -6.43
CA ARG B 220 9.31 1.91 -6.79
C ARG B 220 8.66 1.34 -5.54
N ALA B 221 7.58 1.96 -5.08
CA ALA B 221 6.97 1.62 -3.81
C ALA B 221 6.54 0.17 -3.74
N LEU B 222 6.09 -0.39 -4.86
CA LEU B 222 5.58 -1.77 -4.84
C LEU B 222 6.69 -2.83 -5.06
N ASP B 223 7.96 -2.36 -5.16
CA ASP B 223 9.10 -3.26 -5.23
C ASP B 223 9.80 -3.46 -3.87
N THR B 224 9.16 -2.94 -2.83
CA THR B 224 9.56 -3.24 -1.47
C THR B 224 8.31 -3.40 -0.58
N VAL B 225 8.49 -3.78 0.66
CA VAL B 225 7.39 -4.30 1.50
C VAL B 225 7.36 -3.61 2.86
N SER B 226 6.16 -3.10 3.23
CA SER B 226 5.93 -2.35 4.46
C SER B 226 6.23 -3.18 5.71
N ASN B 227 6.20 -2.53 6.88
CA ASN B 227 6.31 -3.21 8.16
C ASN B 227 7.58 -4.06 8.24
N ASP B 228 8.70 -3.46 7.89
CA ASP B 228 10.01 -4.13 7.96
C ASP B 228 10.05 -5.43 7.15
N GLY B 229 9.39 -5.44 5.98
CA GLY B 229 9.43 -6.53 5.06
C GLY B 229 8.39 -7.62 5.30
N LEU B 230 7.46 -7.38 6.22
CA LEU B 230 6.38 -8.38 6.55
C LEU B 230 5.08 -8.09 5.86
N GLY B 231 4.89 -6.87 5.38
CA GLY B 231 3.66 -6.42 4.79
C GLY B 231 2.53 -6.12 5.79
N ALA B 232 1.39 -5.62 5.28
CA ALA B 232 0.31 -5.25 6.17
C ALA B 232 -0.17 -6.47 6.96
N PRO B 233 -0.46 -6.32 8.26
CA PRO B 233 -0.97 -7.50 8.96
C PRO B 233 -2.18 -8.19 8.33
N VAL B 234 -2.19 -9.52 8.49
CA VAL B 234 -3.31 -10.34 8.15
C VAL B 234 -3.77 -11.10 9.36
N LYS B 235 -5.06 -11.43 9.36
CA LYS B 235 -5.66 -12.34 10.36
C LYS B 235 -5.68 -13.71 9.74
N PRO B 236 -5.08 -14.73 10.41
CA PRO B 236 -4.85 -15.99 9.71
C PRO B 236 -6.04 -16.92 9.63
N VAL B 237 -7.01 -16.53 8.81
CA VAL B 237 -8.29 -17.21 8.65
C VAL B 237 -8.27 -18.44 7.71
N GLY B 238 -7.11 -18.78 7.16
CA GLY B 238 -6.95 -19.98 6.32
C GLY B 238 -6.49 -19.71 4.91
N LEU B 239 -6.53 -18.44 4.51
CA LEU B 239 -6.02 -18.01 3.22
C LEU B 239 -4.48 -17.97 3.25
N ILE B 240 -3.88 -17.95 2.06
CA ILE B 240 -2.40 -17.90 1.89
C ILE B 240 -1.97 -16.49 1.52
N VAL B 241 -0.98 -15.96 2.25
CA VAL B 241 -0.37 -14.68 1.90
C VAL B 241 0.40 -14.83 0.58
N SER B 242 0.25 -13.83 -0.30
CA SER B 242 1.14 -13.65 -1.44
C SER B 242 1.80 -12.31 -1.21
N SER B 243 3.13 -12.26 -1.06
CA SER B 243 3.80 -11.00 -0.81
C SER B 243 3.70 -10.10 -2.03
N PHE B 244 3.79 -10.70 -3.19
CA PHE B 244 3.73 -10.01 -4.50
C PHE B 244 2.72 -10.69 -5.39
N ARG B 245 2.27 -9.91 -6.35
CA ARG B 245 1.25 -10.30 -7.35
C ARG B 245 1.97 -10.86 -8.60
N PRO B 246 1.21 -11.42 -9.55
CA PRO B 246 1.84 -11.84 -10.80
C PRO B 246 2.34 -10.70 -11.67
N SER B 247 1.96 -9.46 -11.34
CA SER B 247 2.59 -8.26 -11.92
C SER B 247 4.02 -8.03 -11.38
N ASP B 248 4.39 -8.79 -10.34
CA ASP B 248 5.59 -8.59 -9.51
C ASP B 248 5.47 -7.37 -8.55
N ASP B 249 4.28 -6.75 -8.47
CA ASP B 249 4.04 -5.68 -7.51
C ASP B 249 3.63 -6.23 -6.14
N ALA B 250 4.07 -5.60 -5.06
CA ALA B 250 3.64 -6.00 -3.75
C ALA B 250 2.10 -5.95 -3.64
N THR B 251 1.52 -6.85 -2.86
CA THR B 251 0.12 -6.78 -2.52
C THR B 251 -0.17 -5.57 -1.61
N THR B 252 -1.44 -5.15 -1.58
CA THR B 252 -1.90 -4.13 -0.65
C THR B 252 -2.36 -4.85 0.62
N LEU B 253 -3.47 -5.60 0.49
CA LEU B 253 -3.90 -6.58 1.48
C LEU B 253 -3.37 -7.93 1.01
N GLN B 254 -2.79 -8.68 1.92
CA GLN B 254 -1.88 -9.75 1.49
C GLN B 254 -2.52 -11.07 1.08
N PHE B 255 -3.81 -11.29 1.38
CA PHE B 255 -4.47 -12.49 0.89
C PHE B 255 -4.97 -12.17 -0.54
N LEU B 256 -4.15 -12.52 -1.51
CA LEU B 256 -4.40 -12.20 -2.91
C LEU B 256 -5.39 -13.22 -3.49
N VAL B 257 -6.58 -12.77 -3.81
CA VAL B 257 -7.69 -13.67 -4.09
C VAL B 257 -7.56 -14.55 -5.33
N PRO B 258 -7.26 -13.97 -6.50
CA PRO B 258 -7.16 -14.85 -7.71
C PRO B 258 -6.05 -15.91 -7.55
N SER B 259 -4.98 -15.54 -6.86
CA SER B 259 -3.89 -16.54 -6.60
C SER B 259 -4.32 -17.63 -5.63
N ASN B 260 -5.09 -17.28 -4.58
CA ASN B 260 -5.66 -18.29 -3.70
C ASN B 260 -6.57 -19.27 -4.45
N PHE B 261 -7.41 -18.75 -5.34
CA PHE B 261 -8.27 -19.61 -6.17
C PHE B 261 -7.44 -20.53 -7.04
N PHE B 262 -6.35 -20.01 -7.61
CA PHE B 262 -5.44 -20.82 -8.45
C PHE B 262 -4.73 -21.89 -7.62
N ALA B 263 -4.47 -21.59 -6.35
CA ALA B 263 -3.82 -22.57 -5.44
C ALA B 263 -4.75 -23.74 -5.20
N VAL B 264 -6.05 -23.47 -5.04
CA VAL B 264 -7.01 -24.52 -4.80
C VAL B 264 -6.96 -25.51 -5.97
N SER B 265 -7.08 -24.99 -7.19
CA SER B 265 -7.06 -25.85 -8.39
C SER B 265 -5.77 -26.61 -8.49
N SER B 266 -4.66 -25.91 -8.28
CA SER B 266 -3.38 -26.53 -8.47
C SER B 266 -3.07 -27.62 -7.43
N LEU B 267 -3.47 -27.37 -6.20
CA LEU B 267 -3.36 -28.41 -5.15
C LEU B 267 -4.17 -29.68 -5.47
N ARG B 268 -5.38 -29.49 -6.00
CA ARG B 268 -6.20 -30.62 -6.38
C ARG B 268 -5.64 -31.40 -7.56
N LYS B 269 -4.98 -30.72 -8.49
CA LYS B 269 -4.28 -31.42 -9.57
C LYS B 269 -3.11 -32.23 -9.00
N ALA B 270 -2.31 -31.58 -8.14
CA ALA B 270 -1.24 -32.30 -7.43
C ALA B 270 -1.73 -33.52 -6.68
N ALA B 271 -2.88 -33.40 -6.02
CA ALA B 271 -3.42 -34.51 -5.27
C ALA B 271 -3.73 -35.73 -6.17
N GLU B 272 -4.30 -35.45 -7.32
CA GLU B 272 -4.64 -36.50 -8.28
C GLU B 272 -3.42 -37.19 -8.82
N ILE B 273 -2.38 -36.41 -9.20
CA ILE B 273 -1.09 -36.98 -9.56
C ILE B 273 -0.51 -37.86 -8.42
N LEU B 274 -0.47 -37.36 -7.19
CA LEU B 274 0.11 -38.11 -6.12
C LEU B 274 -0.62 -39.39 -5.86
N GLU B 275 -1.96 -39.37 -5.94
CA GLU B 275 -2.73 -40.59 -5.76
CA GLU B 275 -2.72 -40.59 -5.76
C GLU B 275 -2.50 -41.58 -6.90
N LYS B 276 -2.71 -41.12 -8.12
CA LYS B 276 -2.76 -42.05 -9.28
C LYS B 276 -1.42 -42.49 -9.84
N VAL B 277 -0.45 -41.58 -9.83
CA VAL B 277 0.88 -41.88 -10.30
C VAL B 277 1.77 -42.38 -9.17
N ASN B 278 1.95 -41.56 -8.14
CA ASN B 278 2.95 -41.85 -7.10
C ASN B 278 2.44 -42.81 -6.03
N LYS B 279 1.13 -43.03 -5.98
CA LYS B 279 0.55 -43.88 -4.92
C LYS B 279 0.92 -43.40 -3.53
N LYS B 280 0.98 -42.09 -3.38
CA LYS B 280 1.25 -41.45 -2.11
C LYS B 280 -0.02 -40.78 -1.57
N THR B 281 -0.83 -41.59 -0.91
CA THR B 281 -2.16 -41.12 -0.55
C THR B 281 -2.18 -40.14 0.62
N ALA B 282 -1.18 -40.20 1.51
CA ALA B 282 -1.10 -39.22 2.59
C ALA B 282 -0.76 -37.85 2.07
N LEU B 283 0.26 -37.77 1.21
CA LEU B 283 0.64 -36.45 0.65
C LEU B 283 -0.49 -35.92 -0.25
N SER B 284 -1.16 -36.81 -0.94
CA SER B 284 -2.35 -36.45 -1.74
C SER B 284 -3.41 -35.81 -0.87
N LYS B 285 -3.70 -36.42 0.27
CA LYS B 285 -4.69 -35.90 1.19
CA LYS B 285 -4.69 -35.91 1.22
C LYS B 285 -4.26 -34.57 1.77
N GLU B 286 -2.94 -34.41 2.04
CA GLU B 286 -2.48 -33.12 2.54
CA GLU B 286 -2.44 -33.11 2.53
C GLU B 286 -2.81 -32.01 1.52
N CYS B 287 -2.62 -32.30 0.23
CA CYS B 287 -2.95 -31.32 -0.79
C CYS B 287 -4.47 -31.05 -0.82
N LYS B 288 -5.28 -32.09 -0.80
CA LYS B 288 -6.74 -31.90 -0.89
CA LYS B 288 -6.75 -31.91 -0.85
C LYS B 288 -7.26 -31.13 0.35
N ASP B 289 -6.76 -31.46 1.53
CA ASP B 289 -7.20 -30.81 2.74
C ASP B 289 -6.87 -29.31 2.75
N LEU B 290 -5.66 -28.96 2.33
CA LEU B 290 -5.28 -27.56 2.24
C LEU B 290 -6.12 -26.84 1.17
N ALA B 291 -6.32 -27.45 0.00
CA ALA B 291 -7.19 -26.86 -1.02
C ALA B 291 -8.58 -26.56 -0.44
N GLN B 292 -9.13 -27.51 0.30
CA GLN B 292 -10.45 -27.33 0.86
C GLN B 292 -10.47 -26.17 1.87
N GLU B 293 -9.42 -26.08 2.70
CA GLU B 293 -9.35 -25.06 3.72
C GLU B 293 -9.37 -23.69 3.06
N VAL B 294 -8.53 -23.56 2.02
CA VAL B 294 -8.43 -22.27 1.32
C VAL B 294 -9.77 -21.93 0.64
N GLU B 295 -10.34 -22.93 -0.05
CA GLU B 295 -11.66 -22.72 -0.72
C GLU B 295 -12.74 -22.25 0.24
N THR B 296 -12.86 -22.91 1.40
CA THR B 296 -13.83 -22.55 2.39
C THR B 296 -13.61 -21.10 2.88
N ALA B 297 -12.34 -20.76 3.10
CA ALA B 297 -12.01 -19.42 3.54
C ALA B 297 -12.27 -18.36 2.48
N LEU B 298 -12.04 -18.71 1.21
CA LEU B 298 -12.35 -17.78 0.10
C LEU B 298 -13.86 -17.49 0.07
N LYS B 299 -14.69 -18.52 0.17
CA LYS B 299 -16.12 -18.29 0.12
C LYS B 299 -16.61 -17.41 1.27
N LYS B 300 -15.97 -17.54 2.41
CA LYS B 300 -16.33 -16.76 3.59
C LYS B 300 -15.82 -15.32 3.60
N TYR B 301 -14.61 -15.12 3.11
CA TYR B 301 -13.93 -13.84 3.25
C TYR B 301 -13.76 -13.01 1.96
N ALA B 302 -13.78 -13.65 0.81
CA ALA B 302 -13.42 -12.97 -0.47
C ALA B 302 -14.63 -12.37 -1.20
N VAL B 303 -15.85 -12.61 -0.74
CA VAL B 303 -17.04 -12.12 -1.42
C VAL B 303 -17.51 -10.83 -0.74
N TYR B 304 -17.69 -9.82 -1.58
CA TYR B 304 -18.09 -8.48 -1.17
C TYR B 304 -19.42 -8.08 -1.79
N ASN B 305 -20.35 -7.63 -0.93
CA ASN B 305 -21.65 -7.19 -1.44
CA ASN B 305 -21.66 -7.19 -1.38
C ASN B 305 -21.52 -5.78 -1.94
N HIS B 306 -21.23 -5.64 -3.23
CA HIS B 306 -21.01 -4.33 -3.84
C HIS B 306 -22.36 -3.64 -4.04
N PRO B 307 -22.48 -2.35 -3.64
CA PRO B 307 -23.80 -1.70 -3.80
C PRO B 307 -24.28 -1.56 -5.25
N LYS B 308 -23.40 -1.49 -6.21
CA LYS B 308 -23.81 -1.35 -7.60
C LYS B 308 -23.86 -2.69 -8.34
N TYR B 309 -22.84 -3.53 -8.14
CA TYR B 309 -22.67 -4.75 -8.94
C TYR B 309 -23.22 -6.00 -8.31
N GLY B 310 -23.57 -5.95 -7.03
CA GLY B 310 -24.01 -7.16 -6.32
C GLY B 310 -22.82 -7.89 -5.75
N LYS B 311 -22.99 -9.17 -5.41
CA LYS B 311 -21.87 -9.93 -4.81
C LYS B 311 -20.75 -10.08 -5.86
N ILE B 312 -19.53 -9.65 -5.49
CA ILE B 312 -18.34 -9.74 -6.34
C ILE B 312 -17.22 -10.37 -5.52
N TYR B 313 -16.20 -10.87 -6.23
CA TYR B 313 -14.99 -11.29 -5.59
C TYR B 313 -14.04 -10.05 -5.45
N ALA B 314 -13.58 -9.85 -4.23
CA ALA B 314 -12.49 -8.87 -3.96
C ALA B 314 -11.19 -9.33 -4.59
N PHE B 315 -10.34 -8.38 -4.97
CA PHE B 315 -9.03 -8.72 -5.47
C PHE B 315 -8.07 -9.16 -4.36
N GLU B 316 -8.13 -8.48 -3.21
CA GLU B 316 -7.40 -8.86 -2.02
C GLU B 316 -8.27 -8.66 -0.79
N VAL B 317 -7.96 -9.45 0.23
CA VAL B 317 -8.49 -9.26 1.56
C VAL B 317 -7.36 -9.44 2.59
N ASP B 318 -7.61 -9.04 3.85
CA ASP B 318 -6.65 -9.24 4.93
C ASP B 318 -7.13 -10.15 6.05
N GLY B 319 -8.39 -10.62 5.99
CA GLY B 319 -8.93 -11.45 7.08
C GLY B 319 -9.47 -10.68 8.27
N PHE B 320 -9.20 -9.37 8.33
CA PHE B 320 -9.72 -8.49 9.36
C PHE B 320 -11.09 -7.92 9.00
N GLY B 321 -11.39 -7.97 7.72
CA GLY B 321 -12.59 -7.34 7.15
C GLY B 321 -12.35 -6.28 6.10
N ASN B 322 -11.09 -6.05 5.77
CA ASN B 322 -10.77 -5.23 4.64
C ASN B 322 -10.85 -5.99 3.33
N HIS B 323 -11.21 -5.23 2.31
CA HIS B 323 -11.23 -5.69 0.91
C HIS B 323 -10.63 -4.66 0.02
N HIS B 324 -9.99 -5.12 -1.07
CA HIS B 324 -9.45 -4.26 -2.11
C HIS B 324 -10.19 -4.60 -3.40
N LEU B 325 -11.03 -3.67 -3.87
CA LEU B 325 -11.87 -3.82 -5.03
C LEU B 325 -11.20 -3.15 -6.21
N ASP B 327 -8.91 -4.76 -10.17
CA ASP B 327 -8.29 -5.92 -10.79
C ASP B 327 -7.01 -5.40 -11.45
N ASP B 328 -6.03 -6.31 -11.59
CA ASP B 328 -4.81 -6.10 -12.35
C ASP B 328 -4.79 -7.05 -13.54
N ALA B 329 -4.20 -6.60 -14.67
CA ALA B 329 -4.22 -7.37 -15.89
C ALA B 329 -3.53 -8.72 -15.79
N ASN B 330 -2.54 -8.85 -14.92
CA ASN B 330 -1.74 -10.09 -14.88
C ASN B 330 -2.55 -11.30 -14.40
N VAL B 331 -2.39 -12.44 -15.07
CA VAL B 331 -3.05 -13.67 -14.75
C VAL B 331 -2.15 -14.46 -13.77
N PRO B 332 -2.71 -14.89 -12.62
CA PRO B 332 -4.12 -14.88 -12.22
C PRO B 332 -4.61 -13.48 -11.83
N SER B 333 -5.73 -13.14 -12.47
CA SER B 333 -6.53 -11.93 -12.17
C SER B 333 -7.96 -12.36 -11.88
N LEU B 334 -8.79 -11.46 -11.35
CA LEU B 334 -10.23 -11.79 -11.23
C LEU B 334 -10.86 -12.12 -12.60
N LEU B 335 -10.58 -11.28 -13.60
CA LEU B 335 -11.15 -11.48 -14.92
C LEU B 335 -10.85 -12.86 -15.47
N ALA B 336 -9.62 -13.33 -15.27
CA ALA B 336 -9.14 -14.54 -15.95
C ALA B 336 -9.43 -15.82 -15.17
N PRO B 338 -11.99 -17.91 -14.89
CA PRO B 338 -12.51 -19.03 -15.70
C PRO B 338 -11.53 -19.53 -16.77
N TYR B 339 -10.60 -18.66 -17.19
CA TYR B 339 -9.58 -19.09 -18.15
C TYR B 339 -8.67 -20.16 -17.53
N LEU B 340 -8.17 -19.91 -16.33
CA LEU B 340 -7.37 -20.91 -15.62
C LEU B 340 -8.19 -22.12 -15.12
N GLY B 341 -9.49 -21.94 -15.06
CA GLY B 341 -10.40 -22.99 -14.62
C GLY B 341 -10.66 -22.95 -13.12
N ASP B 342 -10.46 -21.82 -12.50
CA ASP B 342 -10.59 -21.73 -11.05
C ASP B 342 -11.99 -21.41 -10.50
N VAL B 343 -12.81 -20.78 -11.34
CA VAL B 343 -14.25 -20.66 -11.13
C VAL B 343 -14.94 -20.89 -12.46
N ASN B 344 -16.22 -21.26 -12.39
CA ASN B 344 -17.01 -21.45 -13.58
C ASN B 344 -17.33 -20.08 -14.21
N VAL B 345 -17.28 -20.00 -15.54
CA VAL B 345 -17.54 -18.74 -16.22
C VAL B 345 -18.97 -18.27 -15.89
N ASN B 346 -19.88 -19.19 -15.54
CA ASN B 346 -21.23 -18.77 -15.19
C ASN B 346 -21.57 -18.67 -13.69
N ASP B 347 -20.54 -18.72 -12.86
CA ASP B 347 -20.66 -18.41 -11.44
C ASP B 347 -21.24 -16.99 -11.39
N PRO B 348 -22.41 -16.82 -10.73
CA PRO B 348 -23.02 -15.50 -10.78
CA PRO B 348 -23.04 -15.51 -10.74
C PRO B 348 -22.17 -14.41 -10.15
N ILE B 349 -21.38 -14.79 -9.13
CA ILE B 349 -20.43 -13.87 -8.46
C ILE B 349 -19.32 -13.45 -9.44
N TYR B 350 -18.85 -14.41 -10.24
CA TYR B 350 -17.88 -14.09 -11.27
C TYR B 350 -18.46 -13.12 -12.31
N GLN B 351 -19.69 -13.35 -12.75
CA GLN B 351 -20.27 -12.50 -13.78
C GLN B 351 -20.44 -11.06 -13.25
N ASN B 352 -20.82 -10.92 -11.99
CA ASN B 352 -20.88 -9.59 -11.39
C ASN B 352 -19.52 -8.96 -11.34
N THR B 353 -18.53 -9.74 -10.91
CA THR B 353 -17.13 -9.31 -10.86
C THR B 353 -16.60 -8.85 -12.23
N ARG B 354 -16.95 -9.58 -13.27
CA ARG B 354 -16.54 -9.23 -14.63
CA ARG B 354 -16.57 -9.25 -14.64
C ARG B 354 -17.06 -7.85 -15.04
N ARG B 355 -18.31 -7.55 -14.68
CA ARG B 355 -18.90 -6.23 -14.99
C ARG B 355 -18.14 -5.16 -14.22
N PHE B 356 -17.85 -5.46 -12.95
CA PHE B 356 -17.10 -4.53 -12.10
C PHE B 356 -15.69 -4.22 -12.63
N VAL B 357 -14.89 -5.25 -12.96
CA VAL B 357 -13.48 -5.03 -13.23
C VAL B 357 -13.29 -4.28 -14.53
N TRP B 358 -14.23 -4.51 -15.45
CA TRP B 358 -14.22 -3.86 -16.75
C TRP B 358 -15.09 -2.58 -16.74
N SER B 359 -14.78 -1.68 -15.81
CA SER B 359 -15.56 -0.46 -15.61
C SER B 359 -14.75 0.58 -14.88
N GLU B 360 -15.23 1.82 -14.95
CA GLU B 360 -14.54 2.92 -14.29
C GLU B 360 -14.73 2.93 -12.76
N ASP B 361 -15.40 1.92 -12.24
CA ASP B 361 -15.38 1.68 -10.80
C ASP B 361 -14.13 0.95 -10.31
N ASN B 362 -13.42 0.32 -11.23
CA ASN B 362 -12.14 -0.28 -10.95
C ASN B 362 -11.05 0.80 -11.12
N PRO B 363 -10.30 1.10 -10.04
CA PRO B 363 -9.23 2.13 -10.16
C PRO B 363 -8.17 1.91 -11.27
N TYR B 364 -8.02 0.67 -11.72
CA TYR B 364 -7.00 0.29 -12.68
C TYR B 364 -7.55 -0.13 -14.06
N PHE B 365 -8.80 0.27 -14.29
CA PHE B 365 -9.39 0.23 -15.62
C PHE B 365 -9.25 1.60 -16.30
N PHE B 366 -8.71 1.60 -17.53
CA PHE B 366 -8.49 2.82 -18.31
C PHE B 366 -9.19 2.74 -19.66
N LYS B 367 -9.72 3.88 -20.10
CA LYS B 367 -10.45 3.95 -21.37
C LYS B 367 -10.06 5.22 -22.05
N GLY B 368 -9.64 5.10 -23.30
CA GLY B 368 -9.22 6.28 -24.07
C GLY B 368 -9.50 6.18 -25.57
N LYS B 369 -8.79 7.01 -26.30
CA LYS B 369 -9.00 7.16 -27.74
C LYS B 369 -8.65 5.91 -28.54
N ALA B 370 -7.66 5.14 -28.11
CA ALA B 370 -7.14 4.00 -28.85
C ALA B 370 -7.73 2.66 -28.36
N GLY B 371 -8.22 2.62 -27.14
CA GLY B 371 -8.78 1.37 -26.62
C GLY B 371 -9.06 1.51 -25.12
N GLU B 372 -9.36 0.38 -24.50
CA GLU B 372 -9.68 0.32 -23.07
C GLU B 372 -9.24 -1.02 -22.55
N GLY B 373 -9.11 -1.08 -21.24
CA GLY B 373 -8.85 -2.32 -20.56
C GLY B 373 -8.21 -2.10 -19.23
N ILE B 374 -7.67 -3.16 -18.67
CA ILE B 374 -7.16 -3.14 -17.29
C ILE B 374 -5.64 -3.09 -17.35
N GLY B 375 -5.06 -2.29 -16.46
CA GLY B 375 -3.63 -2.27 -16.28
C GLY B 375 -3.33 -2.59 -14.86
N GLY B 376 -2.76 -1.59 -14.18
CA GLY B 376 -2.43 -1.74 -12.77
C GLY B 376 -1.31 -0.79 -12.37
N PRO B 377 -0.84 -0.90 -11.12
CA PRO B 377 0.20 0.05 -10.68
C PRO B 377 1.59 -0.26 -11.17
N HIS B 378 1.80 -1.39 -11.82
CA HIS B 378 3.16 -1.71 -12.29
C HIS B 378 3.78 -0.66 -13.20
N ILE B 379 3.02 -0.31 -14.24
CA ILE B 379 3.36 0.73 -15.23
C ILE B 379 2.59 2.02 -14.94
N GLY B 380 1.48 1.92 -14.19
CA GLY B 380 0.81 3.13 -13.76
C GLY B 380 -0.35 3.63 -14.62
N TYR B 381 -0.68 4.88 -14.42
CA TYR B 381 -1.91 5.40 -14.96
C TYR B 381 -1.97 5.33 -16.49
N ASP B 382 -3.17 5.01 -16.99
CA ASP B 382 -3.54 5.13 -18.39
C ASP B 382 -2.90 4.10 -19.34
N VAL B 384 -2.82 0.44 -20.62
CA VAL B 384 -3.70 -0.70 -20.76
C VAL B 384 -2.87 -1.93 -21.17
N TRP B 385 -3.14 -3.08 -20.57
CA TRP B 385 -2.38 -4.30 -20.88
C TRP B 385 -3.14 -5.16 -21.87
N PRO B 386 -2.52 -5.48 -23.03
CA PRO B 386 -3.19 -6.41 -23.94
C PRO B 386 -3.66 -7.71 -23.26
N SER B 388 -5.22 -8.12 -20.56
CA SER B 388 -6.59 -7.98 -20.07
C SER B 388 -7.63 -8.18 -21.15
N ILE B 389 -7.36 -7.62 -22.31
CA ILE B 389 -8.22 -7.75 -23.49
C ILE B 389 -8.25 -9.20 -24.00
N LYS B 392 -10.38 -11.07 -21.53
CA LYS B 392 -11.78 -10.75 -21.80
C LYS B 392 -12.28 -11.67 -22.94
N ALA B 393 -11.47 -11.86 -23.98
CA ALA B 393 -11.82 -12.75 -25.12
C ALA B 393 -11.87 -14.22 -24.69
N PHE B 394 -10.85 -14.68 -23.96
CA PHE B 394 -10.80 -16.07 -23.46
C PHE B 394 -12.02 -16.48 -22.65
N THR B 395 -12.61 -15.52 -21.93
CA THR B 395 -13.66 -15.77 -20.96
C THR B 395 -15.01 -15.30 -21.48
N SER B 396 -15.05 -14.91 -22.76
CA SER B 396 -16.26 -14.44 -23.40
C SER B 396 -17.17 -15.57 -23.86
N GLN B 397 -18.46 -15.28 -23.77
CA GLN B 397 -19.49 -16.21 -24.21
C GLN B 397 -20.29 -15.69 -25.40
N ASN B 398 -19.76 -14.67 -26.08
CA ASN B 398 -20.41 -13.96 -27.16
CA ASN B 398 -20.42 -14.15 -27.26
C ASN B 398 -19.44 -13.66 -28.30
N ASP B 399 -19.76 -14.02 -29.55
CA ASP B 399 -18.84 -13.77 -30.64
C ASP B 399 -18.56 -12.30 -30.90
N ALA B 400 -19.59 -11.46 -30.77
CA ALA B 400 -19.44 -10.02 -30.99
C ALA B 400 -18.41 -9.42 -30.01
N GLU B 401 -18.48 -9.83 -28.76
CA GLU B 401 -17.48 -9.41 -27.74
C GLU B 401 -16.08 -9.89 -28.15
N ILE B 402 -15.97 -11.15 -28.59
CA ILE B 402 -14.67 -11.71 -28.96
C ILE B 402 -14.09 -10.91 -30.12
N LYS B 403 -14.92 -10.60 -31.10
CA LYS B 403 -14.49 -9.83 -32.26
C LYS B 403 -13.95 -8.44 -31.88
N THR B 404 -14.65 -7.74 -30.98
CA THR B 404 -14.14 -6.41 -30.52
C THR B 404 -12.77 -6.55 -29.87
N CYS B 405 -12.60 -7.63 -29.11
CA CYS B 405 -11.31 -7.90 -28.44
C CYS B 405 -10.17 -8.11 -29.45
N ILE B 406 -10.39 -8.96 -30.45
CA ILE B 406 -9.31 -9.31 -31.40
C ILE B 406 -8.99 -8.08 -32.25
N LYS B 407 -10.02 -7.36 -32.67
CA LYS B 407 -9.82 -6.10 -33.41
C LYS B 407 -8.94 -5.09 -32.63
N LEU B 409 -6.80 -5.77 -30.13
CA LEU B 409 -5.45 -6.32 -30.04
C LEU B 409 -4.66 -6.02 -31.33
N ASP B 411 -5.34 -3.50 -33.44
CA ASP B 411 -5.26 -2.04 -33.62
C ASP B 411 -4.27 -1.34 -32.68
N THR B 412 -3.78 -2.06 -31.66
CA THR B 412 -2.93 -1.47 -30.62
C THR B 412 -1.49 -2.02 -30.55
N ASP B 413 -1.01 -2.63 -31.63
CA ASP B 413 0.34 -3.20 -31.66
C ASP B 413 1.42 -2.22 -32.14
N ALA B 414 1.03 -0.97 -32.46
CA ALA B 414 1.97 0.06 -32.90
C ALA B 414 2.71 -0.39 -34.19
N GLY B 415 2.06 -1.27 -34.92
CA GLY B 415 2.60 -1.80 -36.18
C GLY B 415 3.73 -2.83 -36.00
N THR B 416 3.93 -3.33 -34.77
CA THR B 416 5.09 -4.20 -34.47
C THR B 416 4.86 -5.67 -34.81
N GLY B 417 3.60 -6.06 -34.95
CA GLY B 417 3.22 -7.45 -35.12
C GLY B 417 3.36 -8.33 -33.90
N PHE B 418 3.56 -7.72 -32.72
CA PHE B 418 3.81 -8.44 -31.45
C PHE B 418 2.91 -7.92 -30.33
N HIS B 420 2.55 -6.48 -26.54
CA HIS B 420 3.30 -5.71 -25.58
C HIS B 420 2.79 -5.92 -24.16
N GLU B 421 3.59 -5.46 -23.20
CA GLU B 421 3.17 -5.43 -21.81
C GLU B 421 2.00 -4.46 -21.65
N SER B 422 2.21 -3.23 -22.09
CA SER B 422 1.19 -2.19 -22.00
C SER B 422 1.33 -1.16 -23.09
N PHE B 423 0.25 -0.42 -23.32
CA PHE B 423 0.19 0.67 -24.27
C PHE B 423 -0.71 1.78 -23.72
N HIS B 424 -0.44 3.02 -24.13
CA HIS B 424 -1.22 4.14 -23.63
C HIS B 424 -2.60 4.15 -24.21
N LYS B 425 -3.60 4.35 -23.36
CA LYS B 425 -5.01 4.31 -23.77
C LYS B 425 -5.35 5.23 -24.96
N ASP B 426 -4.59 6.31 -25.14
CA ASP B 426 -4.82 7.29 -26.21
C ASP B 426 -3.86 7.15 -27.39
N ASN B 427 -2.88 6.25 -27.31
CA ASN B 427 -1.78 6.22 -28.27
C ASN B 427 -0.95 4.97 -28.12
N PRO B 428 -1.25 3.94 -28.94
CA PRO B 428 -0.51 2.68 -28.73
C PRO B 428 1.00 2.72 -29.10
N LYS B 429 1.49 3.79 -29.76
CA LYS B 429 2.94 3.98 -30.00
C LYS B 429 3.77 4.20 -28.75
N LYS B 430 3.11 4.60 -27.67
CA LYS B 430 3.71 4.65 -26.34
C LYS B 430 3.38 3.29 -25.67
N PHE B 431 4.40 2.43 -25.60
CA PHE B 431 4.22 1.09 -25.08
C PHE B 431 5.40 0.58 -24.34
N THR B 432 5.17 -0.50 -23.58
CA THR B 432 6.27 -1.13 -22.85
C THR B 432 6.44 -2.59 -23.25
N ARG B 433 7.70 -3.05 -23.12
CA ARG B 433 8.17 -4.40 -23.45
C ARG B 433 7.82 -4.81 -24.87
N ALA B 434 8.74 -4.50 -25.78
CA ALA B 434 8.62 -4.92 -27.18
C ALA B 434 8.64 -6.44 -27.35
N TRP B 435 9.34 -7.13 -26.44
CA TRP B 435 9.64 -8.57 -26.57
C TRP B 435 9.27 -9.27 -25.26
N PHE B 436 8.03 -9.78 -25.26
CA PHE B 436 7.40 -10.31 -24.08
C PHE B 436 6.75 -11.65 -24.48
N ALA B 437 7.52 -12.73 -24.33
CA ALA B 437 7.17 -14.01 -24.95
C ALA B 437 5.88 -14.61 -24.40
N TRP B 438 5.63 -14.49 -23.09
CA TRP B 438 4.36 -14.93 -22.52
C TRP B 438 3.16 -14.34 -23.27
N GLN B 439 3.21 -13.04 -23.54
CA GLN B 439 2.08 -12.38 -24.20
C GLN B 439 1.94 -12.82 -25.64
N ASN B 440 3.07 -13.03 -26.32
CA ASN B 440 3.02 -13.53 -27.70
C ASN B 440 2.40 -14.93 -27.71
N THR B 441 2.82 -15.78 -26.78
CA THR B 441 2.24 -17.10 -26.64
C THR B 441 0.72 -17.03 -26.44
N LEU B 442 0.29 -16.18 -25.52
CA LEU B 442 -1.15 -16.03 -25.28
C LEU B 442 -1.94 -15.64 -26.48
N PHE B 443 -1.38 -14.74 -27.28
CA PHE B 443 -2.09 -14.32 -28.49
C PHE B 443 -2.23 -15.47 -29.48
N GLY B 444 -1.12 -16.19 -29.71
CA GLY B 444 -1.20 -17.40 -30.53
C GLY B 444 -2.21 -18.41 -29.97
N GLU B 445 -2.16 -18.64 -28.67
CA GLU B 445 -3.09 -19.55 -28.04
C GLU B 445 -4.55 -19.16 -28.27
N LEU B 446 -4.84 -17.86 -28.15
CA LEU B 446 -6.20 -17.34 -28.33
C LEU B 446 -6.69 -17.56 -29.76
N ILE B 447 -5.89 -17.16 -30.74
CA ILE B 447 -6.23 -17.33 -32.15
C ILE B 447 -6.40 -18.81 -32.49
N LEU B 448 -5.48 -19.65 -32.05
CA LEU B 448 -5.60 -21.09 -32.29
C LEU B 448 -6.86 -21.67 -31.62
N LYS B 449 -7.18 -21.25 -30.40
CA LYS B 449 -8.44 -21.67 -29.77
C LYS B 449 -9.67 -21.33 -30.61
N LEU B 450 -9.71 -20.10 -31.08
CA LEU B 450 -10.88 -19.60 -31.84
C LEU B 450 -11.02 -20.39 -33.15
N VAL B 451 -9.89 -20.60 -33.82
CA VAL B 451 -9.86 -21.47 -35.02
C VAL B 451 -10.34 -22.88 -34.74
N ASN B 452 -9.81 -23.49 -33.68
CA ASN B 452 -10.20 -24.87 -33.33
C ASN B 452 -11.65 -25.03 -32.82
N GLU B 453 -12.26 -23.94 -32.38
CA GLU B 453 -13.66 -23.93 -31.92
C GLU B 453 -14.63 -23.60 -33.01
N GLY B 454 -14.16 -23.49 -34.25
CA GLY B 454 -15.06 -23.22 -35.38
C GLY B 454 -15.45 -21.75 -35.59
N LYS B 455 -14.62 -20.83 -35.12
CA LYS B 455 -14.85 -19.39 -35.21
C LYS B 455 -13.93 -18.72 -36.28
N VAL B 456 -13.47 -19.51 -37.24
CA VAL B 456 -12.72 -18.98 -38.39
C VAL B 456 -13.48 -17.87 -39.15
N ASP B 457 -14.77 -18.10 -39.40
CA ASP B 457 -15.61 -17.13 -40.10
C ASP B 457 -15.70 -15.81 -39.36
N LEU B 458 -15.78 -15.89 -38.03
CA LEU B 458 -15.80 -14.70 -37.19
C LEU B 458 -14.51 -13.91 -37.37
N LEU B 459 -13.37 -14.58 -37.29
CA LEU B 459 -12.05 -13.93 -37.47
C LEU B 459 -11.88 -13.36 -38.92
N ASN B 460 -12.41 -14.07 -39.89
CA ASN B 460 -12.36 -13.63 -41.30
C ASN B 460 -13.31 -12.46 -41.62
N SER B 461 -14.22 -12.16 -40.70
CA SER B 461 -15.11 -10.99 -40.82
C SER B 461 -14.46 -9.72 -40.32
N ILE B 462 -13.23 -9.83 -39.83
CA ILE B 462 -12.46 -8.66 -39.43
C ILE B 462 -11.76 -8.14 -40.66
N GLN B 463 -12.15 -6.93 -41.06
CA GLN B 463 -11.76 -6.40 -42.37
C GLN B 463 -10.42 -5.70 -42.24
#